data_6Z1Q
#
_entry.id   6Z1Q
#
_cell.length_a   84.77
_cell.length_b   84.77
_cell.length_c   118.52
_cell.angle_alpha   90
_cell.angle_beta   90
_cell.angle_gamma   90
#
_symmetry.space_group_name_H-M   'P 41'
#
loop_
_entity.id
_entity.type
_entity.pdbx_description
1 polymer 'Mitogen-activated protein kinase kinase kinase 14'
2 non-polymer DesF-3R/4076
3 water water
#
_entity_poly.entity_id   1
_entity_poly.type   'polypeptide(L)'
_entity_poly.pdbx_seq_one_letter_code
;KFSVEEYLVHALQGSVSSGQAHSLTSLAKTWAARGSRSREPSPKTEDNEGVLLTEKLKPVDYEYREEVHWATHQLRLGRG
SFGEVHRMEDKQTGFQCAVKKVRLEVFRAEELMACAGLTSPRIVPLYGAVREGPWVNIFMELLEGGSLGQLVKEQGCLPE
DRALYYLGQALEGLEYLHSRRILHGDVKADNVLLSSDGSHAALCDFGHAVCLQPDGLGKDLLTGDYIPGTETHMAPEVVL
GRSCDAKVDVWSSCCMMLHMLNGCHPWTQFFRGPLCLKIASEPPPVREIPPSCAPLTAQAIQEGLRKEPIHRVSAAELGG
KVNRALQQVGGLKSPWRGEYKEPRHPPPNQA
;
_entity_poly.pdbx_strand_id   AAA,BBB
#
# COMPACT_ATOMS: atom_id res chain seq x y z
N SER A 3 -11.51 -30.28 5.95
CA SER A 3 -10.49 -31.33 6.30
C SER A 3 -9.45 -31.43 5.17
N VAL A 4 -9.87 -31.28 3.91
CA VAL A 4 -8.97 -31.24 2.72
C VAL A 4 -8.21 -29.90 2.72
N GLU A 5 -8.93 -28.76 2.69
CA GLU A 5 -8.34 -27.40 2.64
C GLU A 5 -7.74 -27.05 4.01
N GLU A 6 -8.34 -27.55 5.09
CA GLU A 6 -7.95 -27.23 6.50
C GLU A 6 -6.50 -27.68 6.74
N TYR A 7 -6.11 -28.85 6.24
CA TYR A 7 -4.78 -29.49 6.47
C TYR A 7 -3.75 -28.96 5.45
N LEU A 8 -4.20 -28.69 4.22
CA LEU A 8 -3.37 -28.07 3.16
C LEU A 8 -2.83 -26.73 3.68
N VAL A 9 -3.68 -25.85 4.21
CA VAL A 9 -3.25 -24.50 4.68
C VAL A 9 -2.40 -24.67 5.94
N HIS A 10 -2.74 -25.62 6.81
CA HIS A 10 -1.96 -25.87 8.06
C HIS A 10 -0.52 -26.23 7.66
N ALA A 11 -0.35 -27.02 6.61
CA ALA A 11 0.97 -27.49 6.12
C ALA A 11 1.72 -26.34 5.43
N LEU A 12 1.01 -25.40 4.79
CA LEU A 12 1.62 -24.32 3.98
C LEU A 12 1.97 -23.11 4.87
N GLN A 13 1.28 -22.92 5.98
CA GLN A 13 1.37 -21.69 6.81
C GLN A 13 2.78 -21.55 7.41
N GLY A 14 3.30 -20.32 7.42
CA GLY A 14 4.61 -19.95 7.98
C GLY A 14 5.77 -20.27 7.04
N SER A 15 5.51 -20.72 5.81
CA SER A 15 6.54 -21.16 4.85
C SER A 15 6.23 -20.63 3.45
N VAL A 16 7.27 -20.33 2.68
CA VAL A 16 7.18 -20.13 1.21
C VAL A 16 7.61 -21.42 0.52
N SER A 17 6.75 -21.97 -0.32
CA SER A 17 7.00 -23.25 -1.05
C SER A 17 6.81 -23.03 -2.55
N SER A 18 7.46 -23.87 -3.35
CA SER A 18 7.09 -24.16 -4.76
C SER A 18 5.90 -25.11 -4.74
N GLY A 19 4.88 -24.85 -5.56
CA GLY A 19 3.63 -25.63 -5.52
C GLY A 19 2.70 -25.28 -6.66
N GLN A 20 1.42 -25.62 -6.49
CA GLN A 20 0.37 -25.52 -7.53
C GLN A 20 -0.65 -24.47 -7.09
N ALA A 21 -1.52 -24.06 -8.01
CA ALA A 21 -2.53 -23.00 -7.87
C ALA A 21 -3.39 -23.23 -6.61
N HIS A 22 -3.89 -24.45 -6.43
CA HIS A 22 -4.83 -24.84 -5.33
CA HIS A 22 -4.83 -24.82 -5.33
C HIS A 22 -4.19 -24.56 -3.98
N SER A 23 -2.87 -24.75 -3.86
CA SER A 23 -2.13 -24.45 -2.60
C SER A 23 -2.18 -22.95 -2.35
N LEU A 24 -1.83 -22.15 -3.37
CA LEU A 24 -1.83 -20.67 -3.28
C LEU A 24 -3.25 -20.20 -2.96
N THR A 25 -4.23 -20.65 -3.74
CA THR A 25 -5.65 -20.25 -3.62
C THR A 25 -6.13 -20.46 -2.18
N SER A 26 -5.87 -21.63 -1.60
CA SER A 26 -6.30 -22.06 -0.24
C SER A 26 -5.72 -21.12 0.81
N LEU A 27 -4.42 -20.84 0.69
CA LEU A 27 -3.65 -19.93 1.58
C LEU A 27 -4.19 -18.50 1.43
N ALA A 28 -4.53 -18.09 0.21
CA ALA A 28 -5.02 -16.72 -0.11
C ALA A 28 -6.31 -16.42 0.66
N LYS A 29 -7.17 -17.42 0.88
CA LYS A 29 -8.43 -17.27 1.66
C LYS A 29 -8.12 -16.88 3.12
N THR A 30 -7.09 -17.45 3.72
CA THR A 30 -6.69 -17.19 5.13
C THR A 30 -6.10 -15.77 5.24
N TRP A 31 -5.46 -15.27 4.19
CA TRP A 31 -4.97 -13.86 4.12
C TRP A 31 -6.16 -12.89 4.09
N ALA A 32 -7.18 -13.16 3.27
CA ALA A 32 -8.39 -12.32 3.11
C ALA A 32 -9.10 -12.19 4.47
N ALA A 33 -9.11 -13.26 5.26
CA ALA A 33 -9.73 -13.31 6.61
C ALA A 33 -8.87 -12.55 7.63
N ARG A 34 -7.53 -12.69 7.57
CA ARG A 34 -6.57 -12.04 8.51
C ARG A 34 -6.70 -10.51 8.45
N GLY A 35 -6.84 -9.93 7.26
CA GLY A 35 -6.96 -8.47 7.03
C GLY A 35 -8.31 -7.93 7.46
N SER A 36 -9.27 -8.81 7.77
CA SER A 36 -10.60 -8.48 8.36
C SER A 36 -10.48 -8.36 9.89
N ARG A 37 -9.55 -9.11 10.50
CA ARG A 37 -9.31 -9.13 11.97
C ARG A 37 -8.67 -7.82 12.41
N SER A 38 -8.75 -7.47 13.70
CA SER A 38 -8.15 -6.27 14.30
C SER A 38 -6.62 -6.42 14.30
N ARG A 39 -5.89 -5.32 14.05
CA ARG A 39 -4.41 -5.27 14.00
C ARG A 39 -3.83 -5.73 15.36
N GLU A 40 -2.84 -6.61 15.33
CA GLU A 40 -2.13 -7.15 16.54
C GLU A 40 -0.75 -6.50 16.62
N PRO A 41 -0.02 -6.65 17.75
CA PRO A 41 1.37 -6.20 17.84
C PRO A 41 2.28 -7.16 17.07
N SER A 42 3.20 -6.63 16.26
CA SER A 42 4.02 -7.41 15.30
C SER A 42 5.15 -8.14 16.02
N PRO A 43 5.43 -9.42 15.66
CA PRO A 43 6.56 -10.15 16.21
C PRO A 43 7.91 -9.52 15.81
N LYS A 44 9.02 -10.06 16.32
CA LYS A 44 10.41 -9.60 16.02
C LYS A 44 10.69 -9.82 14.53
N THR A 45 10.49 -11.05 14.05
CA THR A 45 10.60 -11.45 12.62
C THR A 45 9.20 -11.67 12.05
N GLU A 46 8.85 -10.90 11.01
CA GLU A 46 7.56 -10.95 10.29
C GLU A 46 7.29 -12.38 9.77
N ASP A 47 6.02 -12.82 9.81
CA ASP A 47 5.56 -14.03 9.07
C ASP A 47 5.95 -13.85 7.60
N ASN A 48 6.51 -14.90 6.99
CA ASN A 48 6.84 -15.01 5.55
C ASN A 48 6.20 -16.31 5.05
N GLU A 49 5.16 -16.22 4.22
CA GLU A 49 4.46 -17.43 3.69
C GLU A 49 3.89 -17.17 2.28
N GLY A 50 3.74 -18.24 1.50
CA GLY A 50 3.07 -18.19 0.19
C GLY A 50 3.57 -19.28 -0.74
N VAL A 51 3.26 -19.13 -2.03
CA VAL A 51 3.47 -20.19 -3.05
C VAL A 51 3.90 -19.53 -4.37
N LEU A 52 5.07 -19.94 -4.88
CA LEU A 52 5.60 -19.57 -6.21
C LEU A 52 5.24 -20.68 -7.21
N LEU A 53 4.65 -20.32 -8.35
CA LEU A 53 4.06 -21.28 -9.33
C LEU A 53 5.01 -21.54 -10.51
N THR A 54 6.20 -20.94 -10.52
CA THR A 54 7.20 -21.06 -11.62
C THR A 54 8.59 -21.25 -11.00
N GLU A 55 9.46 -22.00 -11.68
CA GLU A 55 10.88 -22.22 -11.29
C GLU A 55 11.69 -20.92 -11.48
N LYS A 56 11.15 -19.92 -12.18
CA LYS A 56 11.76 -18.58 -12.38
C LYS A 56 11.90 -17.82 -11.06
N LEU A 57 11.01 -18.06 -10.08
CA LEU A 57 11.05 -17.45 -8.72
C LEU A 57 11.27 -18.59 -7.71
N LYS A 58 12.45 -18.65 -7.09
CA LYS A 58 12.87 -19.77 -6.21
C LYS A 58 12.94 -19.27 -4.76
N PRO A 59 12.19 -19.90 -3.83
CA PRO A 59 12.35 -19.62 -2.41
C PRO A 59 13.72 -20.13 -1.96
N VAL A 60 14.24 -19.61 -0.85
CA VAL A 60 15.55 -19.99 -0.26
C VAL A 60 15.31 -20.37 1.19
N ASP A 61 15.42 -21.66 1.52
CA ASP A 61 15.12 -22.25 2.86
C ASP A 61 13.73 -21.76 3.31
N TYR A 62 12.76 -21.77 2.39
CA TYR A 62 11.30 -21.60 2.64
C TYR A 62 11.01 -20.14 2.98
N GLU A 63 11.83 -19.23 2.47
CA GLU A 63 11.69 -17.76 2.63
C GLU A 63 11.76 -17.09 1.26
N TYR A 64 11.12 -15.93 1.13
CA TYR A 64 11.12 -15.08 -0.08
C TYR A 64 10.74 -13.67 0.37
N ARG A 65 11.77 -12.88 0.69
CA ARG A 65 11.65 -11.59 1.41
C ARG A 65 12.23 -10.54 0.48
N GLU A 66 11.58 -9.39 0.42
CA GLU A 66 12.04 -8.25 -0.41
C GLU A 66 13.34 -7.71 0.18
N GLU A 67 14.27 -7.30 -0.69
CA GLU A 67 15.60 -6.73 -0.35
C GLU A 67 16.60 -7.89 -0.19
N VAL A 68 16.15 -9.05 0.31
CA VAL A 68 17.00 -10.25 0.62
C VAL A 68 17.08 -11.16 -0.61
N HIS A 69 15.93 -11.65 -1.09
CA HIS A 69 15.83 -12.74 -2.11
C HIS A 69 15.47 -12.15 -3.48
N TRP A 70 14.76 -11.04 -3.50
CA TRP A 70 14.34 -10.32 -4.73
C TRP A 70 14.29 -8.82 -4.42
N ALA A 71 14.27 -7.98 -5.44
CA ALA A 71 14.17 -6.52 -5.29
C ALA A 71 13.45 -5.90 -6.51
N THR A 72 12.73 -4.81 -6.25
CA THR A 72 12.14 -3.93 -7.30
C THR A 72 13.29 -3.10 -7.86
N HIS A 73 13.24 -2.76 -9.15
CA HIS A 73 14.21 -1.84 -9.76
C HIS A 73 13.49 -0.95 -10.75
N GLN A 74 14.02 0.25 -10.98
CA GLN A 74 13.42 1.35 -11.79
C GLN A 74 12.16 1.82 -11.05
N LEU A 75 11.27 2.52 -11.75
CA LEU A 75 10.12 3.22 -11.16
C LEU A 75 8.85 2.44 -11.52
N ARG A 76 7.71 2.84 -10.96
CA ARG A 76 6.51 1.96 -10.93
C ARG A 76 5.91 1.86 -12.33
N LEU A 77 5.33 0.71 -12.62
CA LEU A 77 4.60 0.43 -13.88
C LEU A 77 3.23 1.12 -13.82
N GLY A 78 2.61 1.16 -12.64
CA GLY A 78 1.41 1.98 -12.40
C GLY A 78 0.74 1.66 -11.09
N ARG A 79 -0.48 2.16 -10.91
CA ARG A 79 -1.35 1.89 -9.74
C ARG A 79 -2.45 0.95 -10.18
N GLY A 80 -2.49 -0.25 -9.61
CA GLY A 80 -3.63 -1.18 -9.69
C GLY A 80 -4.70 -0.75 -8.72
N SER A 81 -5.83 -1.45 -8.67
CA SER A 81 -7.01 -1.07 -7.85
C SER A 81 -6.64 -1.02 -6.35
N PHE A 82 -5.70 -1.87 -5.92
CA PHE A 82 -5.40 -2.12 -4.48
C PHE A 82 -3.90 -2.07 -4.20
N GLY A 83 -3.06 -1.76 -5.18
CA GLY A 83 -1.61 -1.65 -4.94
C GLY A 83 -0.86 -1.18 -6.16
N GLU A 84 0.31 -0.59 -5.92
CA GLU A 84 1.28 -0.18 -6.97
C GLU A 84 1.97 -1.43 -7.52
N VAL A 85 2.44 -1.32 -8.77
CA VAL A 85 3.05 -2.43 -9.53
C VAL A 85 4.46 -1.97 -9.91
N HIS A 86 5.45 -2.86 -9.76
CA HIS A 86 6.87 -2.60 -10.07
C HIS A 86 7.43 -3.76 -10.88
N ARG A 87 8.48 -3.47 -11.65
CA ARG A 87 9.44 -4.47 -12.18
C ARG A 87 10.22 -5.00 -10.98
N MET A 88 10.40 -6.31 -10.88
CA MET A 88 11.28 -6.92 -9.83
C MET A 88 12.19 -7.95 -10.49
N GLU A 89 13.23 -8.36 -9.77
CA GLU A 89 14.22 -9.38 -10.20
C GLU A 89 14.50 -10.31 -9.01
N ASP A 90 14.37 -11.62 -9.23
CA ASP A 90 14.87 -12.67 -8.31
C ASP A 90 16.41 -12.64 -8.38
N LYS A 91 17.06 -12.43 -7.23
CA LYS A 91 18.54 -12.26 -7.12
C LYS A 91 19.26 -13.58 -7.41
N GLN A 92 18.65 -14.74 -7.14
CA GLN A 92 19.27 -16.07 -7.40
C GLN A 92 19.22 -16.36 -8.90
N THR A 93 18.03 -16.32 -9.52
CA THR A 93 17.78 -16.84 -10.88
C THR A 93 17.95 -15.74 -11.94
N GLY A 94 17.87 -14.46 -11.56
CA GLY A 94 18.01 -13.32 -12.47
C GLY A 94 16.75 -13.01 -13.27
N PHE A 95 15.70 -13.83 -13.17
CA PHE A 95 14.44 -13.64 -13.93
C PHE A 95 13.70 -12.40 -13.39
N GLN A 96 13.16 -11.61 -14.31
CA GLN A 96 12.34 -10.40 -14.03
C GLN A 96 10.87 -10.75 -14.16
N CYS A 97 10.02 -10.08 -13.38
CA CYS A 97 8.55 -10.21 -13.45
C CYS A 97 7.92 -8.92 -12.93
N ALA A 98 6.60 -8.87 -12.83
CA ALA A 98 5.88 -7.74 -12.23
C ALA A 98 5.41 -8.16 -10.83
N VAL A 99 5.45 -7.23 -9.88
CA VAL A 99 5.00 -7.45 -8.47
C VAL A 99 3.96 -6.37 -8.16
N LYS A 100 2.76 -6.77 -7.73
CA LYS A 100 1.76 -5.85 -7.11
C LYS A 100 1.85 -6.03 -5.59
N LYS A 101 1.98 -4.92 -4.87
CA LYS A 101 2.17 -4.89 -3.40
C LYS A 101 0.83 -4.45 -2.80
N VAL A 102 0.11 -5.37 -2.15
CA VAL A 102 -1.26 -5.10 -1.62
C VAL A 102 -1.23 -5.18 -0.08
N ARG A 103 -1.79 -4.19 0.61
CA ARG A 103 -2.01 -4.26 2.09
C ARG A 103 -2.99 -5.40 2.37
N LEU A 104 -2.75 -6.17 3.43
CA LEU A 104 -3.54 -7.37 3.79
C LEU A 104 -5.00 -6.99 4.02
N GLU A 105 -5.27 -5.85 4.65
CA GLU A 105 -6.66 -5.43 5.00
C GLU A 105 -7.46 -5.03 3.76
N VAL A 106 -6.85 -4.87 2.58
CA VAL A 106 -7.59 -4.61 1.31
C VAL A 106 -7.48 -5.81 0.38
N PHE A 107 -6.78 -6.88 0.77
CA PHE A 107 -6.51 -8.06 -0.07
C PHE A 107 -7.75 -8.94 -0.12
N ARG A 108 -8.24 -9.19 -1.34
CA ARG A 108 -9.30 -10.17 -1.66
C ARG A 108 -8.62 -11.38 -2.30
N ALA A 109 -8.90 -12.59 -1.79
CA ALA A 109 -8.39 -13.88 -2.34
C ALA A 109 -8.75 -14.01 -3.83
N GLU A 110 -9.81 -13.34 -4.30
CA GLU A 110 -10.24 -13.36 -5.72
C GLU A 110 -9.17 -12.78 -6.64
N GLU A 111 -8.28 -11.91 -6.15
CA GLU A 111 -7.06 -11.42 -6.86
C GLU A 111 -6.27 -12.60 -7.46
N LEU A 112 -6.21 -13.73 -6.75
CA LEU A 112 -5.41 -14.92 -7.13
C LEU A 112 -6.31 -16.06 -7.61
N MET A 113 -7.48 -16.27 -6.99
CA MET A 113 -8.47 -17.33 -7.36
C MET A 113 -8.90 -17.15 -8.82
N ALA A 114 -8.98 -15.91 -9.30
CA ALA A 114 -9.49 -15.56 -10.65
C ALA A 114 -8.48 -15.94 -11.74
N CYS A 115 -7.19 -16.01 -11.43
CA CYS A 115 -6.11 -16.21 -12.44
C CYS A 115 -5.14 -17.34 -12.07
N ALA A 116 -5.13 -17.83 -10.83
CA ALA A 116 -4.21 -18.89 -10.37
C ALA A 116 -4.38 -20.14 -11.24
N GLY A 117 -3.32 -20.51 -11.98
CA GLY A 117 -3.25 -21.77 -12.76
C GLY A 117 -4.12 -21.73 -14.01
N LEU A 118 -4.62 -20.55 -14.41
CA LEU A 118 -5.38 -20.40 -15.67
C LEU A 118 -4.36 -20.41 -16.81
N THR A 119 -4.71 -21.03 -17.93
CA THR A 119 -3.76 -21.38 -19.02
C THR A 119 -4.22 -20.69 -20.32
N SER A 120 -4.66 -19.44 -20.22
CA SER A 120 -5.11 -18.61 -21.38
C SER A 120 -4.04 -17.60 -21.74
N PRO A 121 -3.73 -17.42 -23.04
CA PRO A 121 -2.85 -16.34 -23.46
C PRO A 121 -3.48 -14.95 -23.27
N ARG A 122 -4.80 -14.87 -23.03
CA ARG A 122 -5.53 -13.58 -22.87
C ARG A 122 -5.65 -13.22 -21.39
N ILE A 123 -5.01 -14.00 -20.51
CA ILE A 123 -4.96 -13.71 -19.06
C ILE A 123 -3.49 -13.69 -18.64
N VAL A 124 -3.05 -12.59 -18.03
CA VAL A 124 -1.66 -12.43 -17.54
C VAL A 124 -1.38 -13.61 -16.61
N PRO A 125 -0.33 -14.43 -16.87
CA PRO A 125 0.05 -15.53 -16.00
C PRO A 125 0.44 -15.04 -14.59
N LEU A 126 -0.08 -15.71 -13.58
CA LEU A 126 0.31 -15.54 -12.16
C LEU A 126 1.53 -16.41 -11.87
N TYR A 127 2.61 -15.82 -11.36
CA TYR A 127 3.88 -16.50 -11.03
C TYR A 127 3.87 -16.95 -9.58
N GLY A 128 2.98 -16.39 -8.76
CA GLY A 128 2.80 -16.76 -7.34
C GLY A 128 2.49 -15.55 -6.48
N ALA A 129 2.42 -15.74 -5.17
CA ALA A 129 2.19 -14.64 -4.21
C ALA A 129 2.81 -15.02 -2.87
N VAL A 130 3.52 -14.06 -2.25
CA VAL A 130 4.18 -14.25 -0.94
C VAL A 130 3.74 -13.12 -0.01
N ARG A 131 3.54 -13.44 1.27
CA ARG A 131 3.13 -12.49 2.33
C ARG A 131 4.34 -12.21 3.23
N GLU A 132 4.59 -10.93 3.50
CA GLU A 132 5.52 -10.44 4.56
C GLU A 132 4.68 -9.63 5.55
N GLY A 133 4.43 -10.19 6.73
CA GLY A 133 3.51 -9.60 7.72
C GLY A 133 2.27 -9.06 7.02
N PRO A 134 2.03 -7.72 7.01
CA PRO A 134 0.80 -7.15 6.49
C PRO A 134 0.82 -6.79 4.99
N TRP A 135 1.82 -7.29 4.26
CA TRP A 135 2.03 -7.02 2.81
C TRP A 135 1.92 -8.33 2.03
N VAL A 136 1.02 -8.37 1.04
CA VAL A 136 0.92 -9.48 0.05
C VAL A 136 1.59 -9.00 -1.24
N ASN A 137 2.61 -9.73 -1.69
CA ASN A 137 3.28 -9.51 -2.99
C ASN A 137 2.72 -10.51 -3.99
N ILE A 138 2.12 -10.00 -5.06
CA ILE A 138 1.55 -10.80 -6.18
C ILE A 138 2.50 -10.66 -7.36
N PHE A 139 3.00 -11.80 -7.85
CA PHE A 139 4.07 -11.89 -8.88
C PHE A 139 3.42 -12.38 -10.18
N MET A 140 3.67 -11.69 -11.28
CA MET A 140 3.01 -12.01 -12.58
C MET A 140 4.00 -11.76 -13.72
N GLU A 141 3.77 -12.44 -14.85
CA GLU A 141 4.54 -12.25 -16.10
C GLU A 141 4.61 -10.75 -16.41
N LEU A 142 5.78 -10.27 -16.79
CA LEU A 142 5.99 -8.87 -17.23
C LEU A 142 5.56 -8.76 -18.70
N LEU A 143 4.63 -7.86 -19.01
CA LEU A 143 4.18 -7.58 -20.39
C LEU A 143 4.72 -6.20 -20.81
N GLU A 144 5.64 -6.19 -21.76
CA GLU A 144 6.58 -5.07 -22.02
C GLU A 144 5.88 -3.86 -22.66
N GLY A 145 4.73 -4.08 -23.33
CA GLY A 145 4.00 -3.05 -24.10
C GLY A 145 3.23 -2.05 -23.25
N GLY A 146 3.07 -2.32 -21.95
CA GLY A 146 2.25 -1.47 -21.05
C GLY A 146 0.77 -1.69 -21.29
N SER A 147 -0.07 -0.81 -20.75
CA SER A 147 -1.53 -1.00 -20.73
C SER A 147 -2.16 -0.42 -22.01
N LEU A 148 -3.30 -0.98 -22.42
CA LEU A 148 -4.17 -0.44 -23.49
C LEU A 148 -4.59 0.98 -23.14
N GLY A 149 -4.82 1.25 -21.86
CA GLY A 149 -5.22 2.59 -21.36
C GLY A 149 -4.16 3.64 -21.68
N GLN A 150 -2.89 3.28 -21.54
CA GLN A 150 -1.74 4.17 -21.84
C GLN A 150 -1.62 4.36 -23.36
N LEU A 151 -1.84 3.30 -24.15
CA LEU A 151 -1.78 3.40 -25.62
C LEU A 151 -2.87 4.39 -26.08
N VAL A 152 -4.06 4.37 -25.48
CA VAL A 152 -5.19 5.25 -25.89
C VAL A 152 -4.87 6.71 -25.56
N LYS A 153 -4.32 6.98 -24.38
CA LYS A 153 -3.88 8.34 -23.97
C LYS A 153 -2.85 8.85 -24.99
N GLU A 154 -1.79 8.06 -25.26
CA GLU A 154 -0.68 8.41 -26.20
C GLU A 154 -1.21 8.59 -27.62
N GLN A 155 -2.02 7.65 -28.12
CA GLN A 155 -2.52 7.64 -29.53
C GLN A 155 -3.70 8.62 -29.71
N GLY A 156 -4.28 9.14 -28.63
CA GLY A 156 -5.52 9.94 -28.64
C GLY A 156 -6.75 9.04 -28.73
N CYS A 157 -6.90 8.32 -29.83
CA CYS A 157 -7.81 7.15 -29.95
C CYS A 157 -7.22 6.19 -31.00
N LEU A 158 -7.81 5.00 -31.11
CA LEU A 158 -7.30 3.91 -31.98
C LEU A 158 -8.18 3.85 -33.22
N PRO A 159 -7.62 3.46 -34.38
CA PRO A 159 -8.45 3.09 -35.53
C PRO A 159 -9.31 1.86 -35.18
N GLU A 160 -10.46 1.78 -35.84
CA GLU A 160 -11.52 0.76 -35.63
C GLU A 160 -10.91 -0.66 -35.62
N ASP A 161 -10.01 -0.97 -36.55
CA ASP A 161 -9.46 -2.35 -36.71
C ASP A 161 -8.64 -2.73 -35.47
N ARG A 162 -7.83 -1.80 -34.95
CA ARG A 162 -7.01 -1.99 -33.73
C ARG A 162 -7.93 -2.15 -32.52
N ALA A 163 -8.95 -1.28 -32.41
CA ALA A 163 -9.99 -1.33 -31.36
C ALA A 163 -10.63 -2.72 -31.38
N LEU A 164 -11.13 -3.15 -32.54
CA LEU A 164 -11.81 -4.45 -32.73
C LEU A 164 -10.87 -5.58 -32.32
N TYR A 165 -9.61 -5.50 -32.72
CA TYR A 165 -8.58 -6.56 -32.53
C TYR A 165 -8.41 -6.79 -31.02
N TYR A 166 -8.19 -5.72 -30.26
CA TYR A 166 -7.98 -5.79 -28.79
C TYR A 166 -9.27 -6.20 -28.09
N LEU A 167 -10.42 -5.62 -28.46
CA LEU A 167 -11.73 -6.02 -27.89
C LEU A 167 -11.94 -7.52 -28.11
N GLY A 168 -11.62 -8.01 -29.32
CA GLY A 168 -11.67 -9.43 -29.68
C GLY A 168 -10.87 -10.28 -28.70
N GLN A 169 -9.60 -9.96 -28.51
CA GLN A 169 -8.68 -10.69 -27.60
C GLN A 169 -9.18 -10.60 -26.15
N ALA A 170 -9.75 -9.46 -25.73
CA ALA A 170 -10.34 -9.29 -24.39
C ALA A 170 -11.55 -10.23 -24.22
N LEU A 171 -12.39 -10.36 -25.25
CA LEU A 171 -13.63 -11.18 -25.16
C LEU A 171 -13.27 -12.67 -25.11
N GLU A 172 -12.13 -13.07 -25.70
CA GLU A 172 -11.57 -14.45 -25.61
C GLU A 172 -11.17 -14.72 -24.15
N GLY A 173 -10.43 -13.78 -23.56
CA GLY A 173 -10.13 -13.75 -22.11
C GLY A 173 -11.39 -13.88 -21.27
N LEU A 174 -12.39 -13.04 -21.50
CA LEU A 174 -13.66 -13.04 -20.72
C LEU A 174 -14.41 -14.36 -20.94
N GLU A 175 -14.33 -14.95 -22.13
CA GLU A 175 -15.03 -16.22 -22.45
C GLU A 175 -14.42 -17.32 -21.57
N TYR A 176 -13.09 -17.34 -21.46
CA TYR A 176 -12.31 -18.33 -20.66
C TYR A 176 -12.72 -18.21 -19.19
N LEU A 177 -12.84 -16.98 -18.68
CA LEU A 177 -13.17 -16.71 -17.26
C LEU A 177 -14.62 -17.13 -16.98
N HIS A 178 -15.56 -16.67 -17.81
CA HIS A 178 -17.02 -16.85 -17.62
C HIS A 178 -17.39 -18.35 -17.62
N SER A 179 -16.69 -19.16 -18.42
CA SER A 179 -16.92 -20.62 -18.53
C SER A 179 -16.40 -21.34 -17.28
N ARG A 180 -15.60 -20.66 -16.46
CA ARG A 180 -15.05 -21.16 -15.17
C ARG A 180 -15.67 -20.40 -14.01
N ARG A 181 -16.81 -19.73 -14.26
CA ARG A 181 -17.63 -19.02 -13.24
C ARG A 181 -16.81 -17.91 -12.57
N ILE A 182 -16.00 -17.19 -13.35
CA ILE A 182 -15.22 -16.02 -12.85
C ILE A 182 -15.69 -14.76 -13.59
N LEU A 183 -16.12 -13.76 -12.82
CA LEU A 183 -16.45 -12.38 -13.25
C LEU A 183 -15.20 -11.51 -13.05
N HIS A 184 -14.69 -10.84 -14.09
CA HIS A 184 -13.51 -9.95 -13.99
C HIS A 184 -13.83 -8.74 -13.09
N GLY A 185 -14.84 -7.94 -13.45
CA GLY A 185 -15.44 -6.95 -12.56
C GLY A 185 -14.89 -5.54 -12.74
N ASP A 186 -13.89 -5.38 -13.61
CA ASP A 186 -13.23 -4.07 -13.86
C ASP A 186 -12.57 -4.11 -15.25
N VAL A 187 -13.34 -4.51 -16.27
CA VAL A 187 -12.89 -4.54 -17.68
C VAL A 187 -12.86 -3.09 -18.18
N LYS A 188 -11.66 -2.59 -18.43
CA LYS A 188 -11.37 -1.25 -18.97
C LYS A 188 -10.00 -1.33 -19.65
N ALA A 189 -9.65 -0.35 -20.47
CA ALA A 189 -8.35 -0.30 -21.19
C ALA A 189 -7.18 -0.36 -20.21
N ASP A 190 -7.32 0.26 -19.03
CA ASP A 190 -6.25 0.25 -17.98
C ASP A 190 -5.94 -1.18 -17.52
N ASN A 191 -6.88 -2.13 -17.60
CA ASN A 191 -6.66 -3.53 -17.09
C ASN A 191 -6.42 -4.50 -18.25
N VAL A 192 -6.08 -4.01 -19.43
CA VAL A 192 -5.56 -4.84 -20.56
C VAL A 192 -4.11 -4.40 -20.80
N LEU A 193 -3.21 -5.38 -20.80
CA LEU A 193 -1.76 -5.20 -21.05
C LEU A 193 -1.42 -5.75 -22.43
N LEU A 194 -0.45 -5.13 -23.10
CA LEU A 194 -0.02 -5.48 -24.48
C LEU A 194 1.40 -6.05 -24.46
N SER A 195 1.71 -6.96 -25.36
CA SER A 195 3.10 -7.41 -25.68
C SER A 195 3.86 -6.23 -26.30
N SER A 196 5.19 -6.29 -26.40
CA SER A 196 6.05 -5.15 -26.86
C SER A 196 5.75 -4.78 -28.32
N ASP A 197 5.37 -5.75 -29.16
CA ASP A 197 5.00 -5.49 -30.58
C ASP A 197 3.50 -5.15 -30.69
N GLY A 198 2.76 -5.18 -29.57
CA GLY A 198 1.35 -4.75 -29.49
C GLY A 198 0.39 -5.80 -30.06
N SER A 199 0.87 -7.00 -30.34
CA SER A 199 0.14 -8.06 -31.08
C SER A 199 -0.76 -8.88 -30.13
N HIS A 200 -0.30 -9.06 -28.89
CA HIS A 200 -1.02 -9.84 -27.84
C HIS A 200 -1.52 -8.86 -26.76
N ALA A 201 -2.77 -9.04 -26.37
CA ALA A 201 -3.43 -8.35 -25.24
C ALA A 201 -3.80 -9.40 -24.20
N ALA A 202 -3.75 -9.05 -22.92
CA ALA A 202 -4.11 -9.95 -21.82
C ALA A 202 -4.76 -9.15 -20.69
N LEU A 203 -5.73 -9.76 -20.02
CA LEU A 203 -6.45 -9.19 -18.86
C LEU A 203 -5.53 -9.25 -17.65
N CYS A 204 -5.58 -8.23 -16.80
CA CYS A 204 -4.91 -8.22 -15.48
C CYS A 204 -5.84 -7.57 -14.47
N ASP A 205 -5.36 -7.48 -13.22
CA ASP A 205 -5.98 -6.81 -12.05
C ASP A 205 -7.37 -7.37 -11.79
N PHE A 206 -7.43 -8.46 -11.03
CA PHE A 206 -8.68 -9.18 -10.64
C PHE A 206 -9.10 -8.73 -9.24
N GLY A 207 -8.65 -7.55 -8.81
CA GLY A 207 -9.04 -6.88 -7.56
C GLY A 207 -10.55 -6.87 -7.33
N HIS A 208 -11.35 -6.82 -8.40
CA HIS A 208 -12.83 -6.66 -8.34
C HIS A 208 -13.56 -7.96 -8.71
N ALA A 209 -12.82 -9.06 -8.89
CA ALA A 209 -13.35 -10.37 -9.34
C ALA A 209 -14.30 -10.95 -8.31
N VAL A 210 -15.30 -11.68 -8.78
CA VAL A 210 -16.17 -12.54 -7.90
C VAL A 210 -16.19 -13.93 -8.51
N CYS A 211 -16.16 -14.95 -7.66
CA CYS A 211 -16.21 -16.39 -8.04
C CYS A 211 -17.62 -16.89 -7.76
N LEU A 212 -18.44 -16.99 -8.81
CA LEU A 212 -19.91 -17.20 -8.78
C LEU A 212 -20.24 -18.61 -8.27
N LEU A 222 -25.51 -16.14 -10.07
CA LEU A 222 -25.76 -14.70 -9.78
C LEU A 222 -25.31 -14.38 -8.35
N THR A 223 -25.02 -13.11 -8.06
CA THR A 223 -24.29 -12.65 -6.84
C THR A 223 -24.79 -11.26 -6.42
N GLY A 224 -24.57 -10.89 -5.15
CA GLY A 224 -24.85 -9.53 -4.61
C GLY A 224 -23.62 -8.89 -3.97
N ASP A 225 -22.44 -9.47 -4.16
CA ASP A 225 -21.17 -9.10 -3.46
C ASP A 225 -20.24 -8.34 -4.41
N TYR A 226 -20.69 -7.99 -5.61
CA TYR A 226 -19.87 -7.34 -6.66
C TYR A 226 -19.54 -5.91 -6.23
N ILE A 227 -18.23 -5.64 -6.04
CA ILE A 227 -17.63 -4.29 -5.84
C ILE A 227 -17.44 -3.68 -7.22
N PRO A 228 -18.25 -2.71 -7.66
CA PRO A 228 -18.12 -2.17 -9.01
C PRO A 228 -16.80 -1.38 -9.10
N GLY A 229 -16.11 -1.47 -10.24
CA GLY A 229 -14.90 -0.67 -10.50
C GLY A 229 -15.27 0.73 -10.96
N THR A 230 -15.02 1.03 -12.23
CA THR A 230 -15.08 2.38 -12.82
C THR A 230 -16.54 2.72 -13.13
N GLU A 231 -17.07 3.81 -12.57
CA GLU A 231 -18.52 4.15 -12.66
C GLU A 231 -18.92 4.28 -14.14
N THR A 232 -18.03 4.70 -15.03
CA THR A 232 -18.36 4.93 -16.47
C THR A 232 -18.55 3.59 -17.21
N HIS A 233 -18.06 2.48 -16.66
CA HIS A 233 -18.07 1.14 -17.32
C HIS A 233 -19.04 0.19 -16.61
N MET A 234 -19.88 0.71 -15.70
CA MET A 234 -20.80 -0.12 -14.88
CA MET A 234 -20.82 -0.08 -14.85
C MET A 234 -22.09 -0.39 -15.65
N ALA A 235 -22.55 -1.64 -15.60
CA ALA A 235 -23.79 -2.15 -16.23
C ALA A 235 -24.99 -1.61 -15.45
N PRO A 236 -26.13 -1.31 -16.12
CA PRO A 236 -27.32 -0.81 -15.42
C PRO A 236 -27.77 -1.67 -14.22
N GLU A 237 -27.71 -2.99 -14.35
CA GLU A 237 -28.17 -3.95 -13.30
C GLU A 237 -27.36 -3.77 -11.99
N VAL A 238 -26.13 -3.25 -12.08
CA VAL A 238 -25.24 -3.00 -10.90
C VAL A 238 -25.77 -1.79 -10.14
N VAL A 239 -25.92 -0.67 -10.84
CA VAL A 239 -26.49 0.62 -10.32
C VAL A 239 -27.81 0.37 -9.61
N LEU A 240 -28.75 -0.35 -10.25
CA LEU A 240 -30.12 -0.59 -9.74
C LEU A 240 -30.10 -1.60 -8.58
N GLY A 241 -28.89 -1.98 -8.11
CA GLY A 241 -28.67 -2.88 -6.96
C GLY A 241 -29.29 -4.25 -7.15
N ARG A 242 -29.42 -4.71 -8.40
CA ARG A 242 -30.04 -6.01 -8.77
C ARG A 242 -28.96 -7.11 -8.76
N SER A 243 -29.37 -8.36 -9.01
CA SER A 243 -28.49 -9.54 -9.16
C SER A 243 -27.61 -9.38 -10.40
N CYS A 244 -26.32 -9.70 -10.28
CA CYS A 244 -25.29 -9.56 -11.35
C CYS A 244 -24.72 -10.92 -11.74
N ASP A 245 -24.51 -11.14 -13.04
CA ASP A 245 -23.82 -12.33 -13.62
C ASP A 245 -22.67 -11.83 -14.49
N ALA A 246 -22.06 -12.72 -15.28
CA ALA A 246 -20.93 -12.47 -16.21
C ALA A 246 -21.23 -11.31 -17.17
N LYS A 247 -22.50 -11.05 -17.48
CA LYS A 247 -22.92 -10.05 -18.49
C LYS A 247 -22.40 -8.64 -18.12
N VAL A 248 -22.14 -8.36 -16.84
CA VAL A 248 -21.59 -7.04 -16.42
C VAL A 248 -20.27 -6.78 -17.17
N ASP A 249 -19.46 -7.82 -17.36
CA ASP A 249 -18.15 -7.74 -18.08
C ASP A 249 -18.39 -7.42 -19.56
N VAL A 250 -19.47 -7.95 -20.17
CA VAL A 250 -19.78 -7.71 -21.61
C VAL A 250 -20.09 -6.23 -21.81
N TRP A 251 -20.98 -5.67 -20.97
CA TRP A 251 -21.32 -4.23 -20.99
C TRP A 251 -20.03 -3.41 -20.90
N SER A 252 -19.17 -3.71 -19.91
CA SER A 252 -17.98 -2.88 -19.59
C SER A 252 -16.96 -2.95 -20.74
N SER A 253 -16.90 -4.09 -21.42
CA SER A 253 -16.00 -4.33 -22.59
C SER A 253 -16.42 -3.44 -23.77
N CYS A 254 -17.72 -3.16 -23.93
CA CYS A 254 -18.27 -2.26 -24.98
C CYS A 254 -18.10 -0.78 -24.59
N CYS A 255 -18.08 -0.48 -23.29
CA CYS A 255 -17.69 0.87 -22.76
C CYS A 255 -16.21 1.10 -23.06
N MET A 256 -15.38 0.08 -22.87
CA MET A 256 -13.95 0.13 -23.23
C MET A 256 -13.82 0.34 -24.74
N MET A 257 -14.63 -0.34 -25.55
CA MET A 257 -14.64 -0.16 -27.03
C MET A 257 -14.96 1.30 -27.35
N LEU A 258 -15.99 1.88 -26.74
CA LEU A 258 -16.35 3.30 -27.01
C LEU A 258 -15.16 4.19 -26.66
N HIS A 259 -14.40 3.83 -25.61
CA HIS A 259 -13.23 4.59 -25.11
C HIS A 259 -12.10 4.54 -26.14
N MET A 260 -11.82 3.36 -26.70
CA MET A 260 -10.76 3.18 -27.71
C MET A 260 -11.10 3.97 -28.97
N LEU A 261 -12.37 3.98 -29.40
CA LEU A 261 -12.81 4.62 -30.67
C LEU A 261 -12.87 6.14 -30.51
N ASN A 262 -13.35 6.63 -29.36
CA ASN A 262 -13.69 8.06 -29.13
C ASN A 262 -12.56 8.80 -28.39
N GLY A 263 -11.70 8.08 -27.68
CA GLY A 263 -10.65 8.67 -26.82
C GLY A 263 -11.19 9.23 -25.51
N CYS A 264 -12.45 8.95 -25.14
CA CYS A 264 -13.08 9.37 -23.86
C CYS A 264 -14.03 8.26 -23.35
N HIS A 265 -14.12 8.10 -22.03
CA HIS A 265 -15.10 7.20 -21.38
C HIS A 265 -16.47 7.58 -21.90
N PRO A 266 -17.42 6.61 -22.00
CA PRO A 266 -18.83 6.97 -22.22
C PRO A 266 -19.37 7.83 -21.08
N TRP A 267 -20.44 8.59 -21.36
CA TRP A 267 -21.20 9.40 -20.36
C TRP A 267 -20.49 10.71 -20.03
N THR A 268 -19.18 10.68 -19.78
CA THR A 268 -18.41 11.79 -19.15
C THR A 268 -18.55 13.09 -19.94
N GLN A 269 -18.69 13.02 -21.26
CA GLN A 269 -18.73 14.23 -22.13
C GLN A 269 -20.16 14.78 -22.28
N PHE A 270 -21.12 14.27 -21.50
CA PHE A 270 -22.56 14.65 -21.64
C PHE A 270 -23.21 14.91 -20.27
N PHE A 271 -22.68 14.36 -19.17
CA PHE A 271 -23.31 14.41 -17.83
C PHE A 271 -22.24 14.71 -16.77
N ARG A 272 -22.65 15.33 -15.65
CA ARG A 272 -21.79 15.65 -14.47
C ARG A 272 -22.19 14.75 -13.30
N GLY A 273 -21.69 15.05 -12.10
CA GLY A 273 -22.10 14.42 -10.82
C GLY A 273 -21.95 12.91 -10.86
N PRO A 274 -22.58 12.16 -9.90
CA PRO A 274 -22.56 10.70 -9.96
C PRO A 274 -23.42 10.20 -11.14
N LEU A 275 -22.84 9.31 -11.96
CA LEU A 275 -23.40 8.86 -13.26
C LEU A 275 -24.40 7.71 -13.07
N CYS A 276 -24.42 7.09 -11.88
CA CYS A 276 -25.27 5.93 -11.53
C CYS A 276 -26.71 6.19 -11.98
N LEU A 277 -27.25 7.35 -11.60
CA LEU A 277 -28.61 7.80 -11.96
C LEU A 277 -28.76 7.78 -13.49
N LYS A 278 -27.84 8.42 -14.20
CA LYS A 278 -27.85 8.56 -15.68
C LYS A 278 -27.77 7.17 -16.32
N ILE A 279 -26.97 6.26 -15.78
CA ILE A 279 -26.76 4.90 -16.36
C ILE A 279 -28.08 4.11 -16.24
N ALA A 280 -28.75 4.24 -15.09
CA ALA A 280 -30.07 3.61 -14.83
C ALA A 280 -31.14 4.22 -15.76
N SER A 281 -31.16 5.55 -15.93
CA SER A 281 -32.31 6.29 -16.52
C SER A 281 -32.16 6.42 -18.03
N GLU A 282 -30.96 6.67 -18.53
CA GLU A 282 -30.74 7.04 -19.96
C GLU A 282 -30.85 5.80 -20.84
N PRO A 283 -31.00 5.97 -22.17
CA PRO A 283 -30.80 4.87 -23.10
C PRO A 283 -29.36 4.38 -22.96
N PRO A 284 -29.02 3.16 -23.42
CA PRO A 284 -27.62 2.74 -23.47
C PRO A 284 -26.84 3.75 -24.32
N PRO A 285 -25.54 4.00 -24.03
CA PRO A 285 -24.77 5.06 -24.70
C PRO A 285 -24.39 4.78 -26.16
N VAL A 286 -25.32 4.13 -26.87
CA VAL A 286 -25.25 3.73 -28.31
C VAL A 286 -25.03 4.96 -29.20
N ARG A 287 -25.50 6.14 -28.78
CA ARG A 287 -25.31 7.43 -29.51
C ARG A 287 -23.82 7.79 -29.61
N GLU A 288 -22.98 7.27 -28.69
CA GLU A 288 -21.53 7.59 -28.66
C GLU A 288 -20.78 6.78 -29.72
N ILE A 289 -21.47 5.86 -30.40
CA ILE A 289 -20.87 5.03 -31.49
C ILE A 289 -20.58 5.94 -32.68
N PRO A 290 -19.32 6.03 -33.16
CA PRO A 290 -19.00 6.92 -34.28
C PRO A 290 -19.78 6.57 -35.54
N PRO A 291 -20.48 7.55 -36.19
CA PRO A 291 -21.17 7.31 -37.45
C PRO A 291 -20.29 6.65 -38.54
N SER A 292 -18.99 6.95 -38.53
CA SER A 292 -17.99 6.43 -39.51
C SER A 292 -17.69 4.94 -39.31
N CYS A 293 -18.22 4.28 -38.27
CA CYS A 293 -17.99 2.84 -37.97
C CYS A 293 -18.73 1.94 -38.95
N ALA A 294 -18.16 0.77 -39.25
CA ALA A 294 -18.77 -0.28 -40.10
C ALA A 294 -20.06 -0.76 -39.46
N PRO A 295 -21.08 -1.17 -40.24
CA PRO A 295 -22.34 -1.66 -39.68
C PRO A 295 -22.19 -2.78 -38.64
N LEU A 296 -21.38 -3.79 -38.91
CA LEU A 296 -21.19 -4.96 -38.00
C LEU A 296 -20.56 -4.50 -36.67
N THR A 297 -19.72 -3.46 -36.71
CA THR A 297 -19.11 -2.84 -35.51
C THR A 297 -20.21 -2.25 -34.63
N ALA A 298 -21.05 -1.38 -35.20
CA ALA A 298 -22.17 -0.70 -34.51
C ALA A 298 -23.16 -1.73 -33.97
N GLN A 299 -23.38 -2.82 -34.71
CA GLN A 299 -24.35 -3.86 -34.31
C GLN A 299 -23.78 -4.63 -33.11
N ALA A 300 -22.47 -4.89 -33.11
CA ALA A 300 -21.76 -5.62 -32.03
C ALA A 300 -21.87 -4.83 -30.72
N ILE A 301 -21.56 -3.53 -30.76
CA ILE A 301 -21.57 -2.62 -29.57
C ILE A 301 -23.00 -2.47 -29.08
N GLN A 302 -23.96 -2.31 -29.99
CA GLN A 302 -25.41 -2.20 -29.66
C GLN A 302 -25.86 -3.43 -28.85
N GLU A 303 -25.43 -4.64 -29.21
CA GLU A 303 -25.95 -5.88 -28.55
C GLU A 303 -25.22 -6.11 -27.22
N GLY A 304 -23.99 -5.61 -27.09
CA GLY A 304 -23.24 -5.57 -25.82
C GLY A 304 -23.79 -4.56 -24.84
N LEU A 305 -24.38 -3.47 -25.31
CA LEU A 305 -24.92 -2.36 -24.47
C LEU A 305 -26.44 -2.46 -24.34
N ARG A 306 -27.02 -3.66 -24.37
CA ARG A 306 -28.43 -3.85 -23.99
C ARG A 306 -28.54 -3.72 -22.47
N LYS A 307 -29.46 -2.88 -21.99
CA LYS A 307 -29.63 -2.57 -20.55
C LYS A 307 -30.12 -3.81 -19.78
N GLU A 308 -30.87 -4.70 -20.41
CA GLU A 308 -31.40 -5.92 -19.78
C GLU A 308 -30.40 -7.04 -19.96
N PRO A 309 -29.70 -7.47 -18.88
CA PRO A 309 -28.65 -8.48 -19.00
C PRO A 309 -29.09 -9.78 -19.70
N ILE A 310 -30.34 -10.19 -19.51
CA ILE A 310 -30.84 -11.48 -20.08
C ILE A 310 -30.76 -11.42 -21.60
N HIS A 311 -30.99 -10.24 -22.20
CA HIS A 311 -31.01 -10.04 -23.68
C HIS A 311 -29.63 -9.67 -24.20
N ARG A 312 -28.76 -9.12 -23.35
CA ARG A 312 -27.36 -8.79 -23.71
C ARG A 312 -26.65 -10.06 -24.14
N VAL A 313 -25.87 -10.02 -25.23
CA VAL A 313 -25.08 -11.17 -25.74
C VAL A 313 -24.00 -11.57 -24.73
N SER A 314 -23.55 -12.82 -24.82
CA SER A 314 -22.46 -13.40 -24.01
C SER A 314 -21.11 -12.91 -24.58
N ALA A 315 -20.02 -13.15 -23.86
CA ALA A 315 -18.63 -12.83 -24.28
C ALA A 315 -18.30 -13.59 -25.57
N ALA A 316 -18.68 -14.87 -25.63
CA ALA A 316 -18.51 -15.77 -26.80
C ALA A 316 -19.25 -15.20 -28.02
N GLU A 317 -20.54 -14.88 -27.85
CA GLU A 317 -21.43 -14.27 -28.88
C GLU A 317 -20.83 -12.94 -29.36
N LEU A 318 -20.50 -12.02 -28.45
CA LEU A 318 -19.90 -10.71 -28.83
C LEU A 318 -18.56 -10.94 -29.52
N GLY A 319 -17.77 -11.92 -29.06
CA GLY A 319 -16.49 -12.32 -29.67
C GLY A 319 -16.64 -12.72 -31.13
N GLY A 320 -17.64 -13.54 -31.45
CA GLY A 320 -17.97 -13.93 -32.84
C GLY A 320 -18.25 -12.70 -33.69
N LYS A 321 -19.17 -11.85 -33.24
CA LYS A 321 -19.56 -10.61 -33.94
C LYS A 321 -18.34 -9.73 -34.17
N VAL A 322 -17.50 -9.53 -33.16
CA VAL A 322 -16.30 -8.65 -33.20
C VAL A 322 -15.29 -9.21 -34.21
N ASN A 323 -15.00 -10.51 -34.16
CA ASN A 323 -14.13 -11.20 -35.16
C ASN A 323 -14.66 -10.93 -36.59
N ARG A 324 -15.97 -11.05 -36.78
CA ARG A 324 -16.67 -10.84 -38.09
C ARG A 324 -16.63 -9.37 -38.49
N ALA A 325 -16.71 -8.46 -37.52
CA ALA A 325 -16.59 -7.00 -37.76
C ALA A 325 -15.17 -6.70 -38.22
N LEU A 326 -14.16 -7.35 -37.64
CA LEU A 326 -12.74 -7.11 -37.99
C LEU A 326 -12.49 -7.56 -39.44
N GLN A 327 -13.01 -8.71 -39.85
CA GLN A 327 -12.93 -9.19 -41.26
C GLN A 327 -13.54 -8.15 -42.20
N GLN A 328 -14.76 -7.69 -41.87
CA GLN A 328 -15.54 -6.73 -42.69
C GLN A 328 -14.73 -5.46 -42.99
N VAL A 329 -13.82 -5.02 -42.11
CA VAL A 329 -13.02 -3.77 -42.32
C VAL A 329 -11.64 -4.08 -42.91
N GLY A 330 -11.33 -5.36 -43.17
CA GLY A 330 -10.10 -5.78 -43.87
C GLY A 330 -9.09 -6.48 -42.96
N GLY A 331 -9.47 -6.78 -41.72
CA GLY A 331 -8.53 -7.30 -40.71
C GLY A 331 -7.65 -6.19 -40.15
N LEU A 332 -6.64 -6.55 -39.35
CA LEU A 332 -5.70 -5.62 -38.68
C LEU A 332 -4.68 -5.09 -39.70
N LYS A 333 -4.92 -3.92 -40.28
CA LYS A 333 -3.99 -3.21 -41.22
C LYS A 333 -3.24 -2.09 -40.48
N SER A 334 -3.93 -1.35 -39.62
CA SER A 334 -3.42 -0.16 -38.88
C SER A 334 -2.08 -0.45 -38.22
N PRO A 335 -1.13 0.50 -38.24
CA PRO A 335 0.22 0.29 -37.70
C PRO A 335 0.31 0.39 -36.17
N TRP A 336 1.19 -0.41 -35.57
CA TRP A 336 1.50 -0.42 -34.12
C TRP A 336 2.10 0.94 -33.70
N ARG A 337 1.36 1.70 -32.89
CA ARG A 337 1.76 3.07 -32.44
C ARG A 337 1.88 3.96 -33.69
N GLY A 338 0.76 4.25 -34.34
CA GLY A 338 0.69 5.18 -35.48
C GLY A 338 0.73 6.62 -35.02
N GLU A 339 0.05 7.50 -35.75
CA GLU A 339 0.03 8.96 -35.50
C GLU A 339 -1.18 9.29 -34.60
N TYR A 340 -1.03 10.30 -33.74
CA TYR A 340 -2.12 10.82 -32.88
C TYR A 340 -3.40 10.97 -33.71
N LYS A 341 -4.53 10.60 -33.13
CA LYS A 341 -5.89 10.72 -33.70
C LYS A 341 -6.71 11.52 -32.69
N GLU A 342 -7.20 12.71 -33.08
CA GLU A 342 -7.84 13.69 -32.14
C GLU A 342 -9.05 13.03 -31.48
N PRO A 343 -9.08 12.92 -30.13
CA PRO A 343 -10.27 12.45 -29.41
C PRO A 343 -11.52 13.29 -29.69
N ARG A 344 -12.70 12.70 -29.59
CA ARG A 344 -13.99 13.42 -29.77
C ARG A 344 -13.99 14.64 -28.85
N HIS A 345 -14.45 15.79 -29.34
CA HIS A 345 -14.67 17.02 -28.53
C HIS A 345 -16.01 16.90 -27.80
N PRO A 346 -16.17 17.47 -26.58
CA PRO A 346 -17.49 17.69 -26.01
C PRO A 346 -18.44 18.42 -26.97
N PRO A 347 -19.76 18.43 -26.72
CA PRO A 347 -20.72 19.07 -27.64
C PRO A 347 -20.78 20.60 -27.47
N SER B 3 -18.94 24.58 16.25
CA SER B 3 -18.13 23.65 15.39
C SER B 3 -17.65 24.38 14.13
N VAL B 4 -16.60 25.20 14.27
CA VAL B 4 -15.90 25.91 13.15
C VAL B 4 -15.20 24.87 12.27
N GLU B 5 -14.74 23.76 12.86
CA GLU B 5 -14.04 22.64 12.18
C GLU B 5 -14.90 22.11 11.01
N GLU B 6 -16.22 22.08 11.15
CA GLU B 6 -17.17 21.47 10.17
C GLU B 6 -17.24 22.32 8.90
N TYR B 7 -17.14 23.66 9.01
CA TYR B 7 -17.16 24.62 7.87
C TYR B 7 -15.82 24.56 7.12
N LEU B 8 -14.73 24.44 7.86
CA LEU B 8 -13.33 24.39 7.36
C LEU B 8 -13.18 23.26 6.32
N VAL B 9 -13.66 22.04 6.63
CA VAL B 9 -13.49 20.83 5.78
C VAL B 9 -14.29 21.01 4.49
N HIS B 10 -15.48 21.60 4.56
CA HIS B 10 -16.37 21.82 3.39
C HIS B 10 -15.67 22.71 2.35
N ALA B 11 -14.82 23.63 2.80
CA ALA B 11 -14.09 24.61 1.95
C ALA B 11 -12.80 23.97 1.40
N LEU B 12 -12.14 23.12 2.19
CA LEU B 12 -10.84 22.48 1.82
C LEU B 12 -11.08 21.28 0.88
N GLN B 13 -12.16 20.53 1.08
CA GLN B 13 -12.47 19.27 0.35
C GLN B 13 -12.51 19.53 -1.17
N GLY B 14 -11.97 18.59 -1.96
CA GLY B 14 -11.91 18.66 -3.43
C GLY B 14 -10.72 19.47 -3.93
N SER B 15 -10.01 20.19 -3.05
CA SER B 15 -8.85 21.06 -3.40
C SER B 15 -7.61 20.65 -2.62
N VAL B 16 -6.42 20.78 -3.22
CA VAL B 16 -5.13 20.89 -2.49
C VAL B 16 -4.80 22.37 -2.34
N SER B 17 -4.46 22.80 -1.12
CA SER B 17 -4.20 24.22 -0.76
C SER B 17 -3.03 24.29 0.21
N SER B 18 -2.31 25.41 0.16
CA SER B 18 -1.37 25.88 1.21
C SER B 18 -2.22 26.39 2.38
N GLY B 19 -1.97 25.87 3.58
CA GLY B 19 -2.76 26.19 4.79
C GLY B 19 -2.01 25.79 6.05
N GLN B 20 -2.75 25.70 7.17
CA GLN B 20 -2.22 25.49 8.55
C GLN B 20 -2.47 24.05 9.00
N ALA B 21 -1.67 23.57 9.95
CA ALA B 21 -1.78 22.23 10.56
C ALA B 21 -3.24 21.89 10.85
N HIS B 22 -3.99 22.78 11.51
CA HIS B 22 -5.38 22.54 11.97
C HIS B 22 -6.29 22.24 10.77
N SER B 23 -6.03 22.89 9.63
CA SER B 23 -6.72 22.62 8.34
C SER B 23 -6.46 21.17 7.90
N LEU B 24 -5.20 20.74 7.91
CA LEU B 24 -4.80 19.37 7.53
C LEU B 24 -5.42 18.38 8.52
N THR B 25 -5.35 18.67 9.81
CA THR B 25 -5.83 17.77 10.90
C THR B 25 -7.34 17.53 10.75
N SER B 26 -8.10 18.57 10.38
CA SER B 26 -9.58 18.51 10.26
C SER B 26 -9.96 17.65 9.04
N LEU B 27 -9.27 17.85 7.92
CA LEU B 27 -9.49 17.10 6.66
C LEU B 27 -9.12 15.63 6.88
N ALA B 28 -8.02 15.37 7.60
CA ALA B 28 -7.48 14.02 7.88
C ALA B 28 -8.50 13.21 8.68
N LYS B 29 -9.32 13.87 9.49
CA LYS B 29 -10.44 13.22 10.24
C LYS B 29 -11.43 12.62 9.25
N THR B 30 -11.75 13.33 8.17
CA THR B 30 -12.73 12.89 7.14
C THR B 30 -12.14 11.70 6.36
N TRP B 31 -10.82 11.62 6.23
CA TRP B 31 -10.11 10.53 5.50
C TRP B 31 -10.22 9.23 6.29
N ALA B 32 -9.97 9.30 7.61
CA ALA B 32 -10.02 8.13 8.52
C ALA B 32 -11.45 7.56 8.54
N ALA B 33 -12.44 8.39 8.23
CA ALA B 33 -13.89 8.03 8.21
C ALA B 33 -14.24 7.34 6.88
N ARG B 34 -13.74 7.83 5.75
CA ARG B 34 -13.96 7.23 4.39
C ARG B 34 -13.43 5.79 4.36
N GLY B 35 -12.24 5.57 4.95
CA GLY B 35 -11.53 4.28 4.99
C GLY B 35 -12.34 3.20 5.72
N SER B 36 -13.16 3.61 6.69
CA SER B 36 -14.15 2.75 7.41
C SER B 36 -15.26 2.32 6.44
N ARG B 37 -15.75 3.26 5.62
CA ARG B 37 -16.89 3.05 4.68
C ARG B 37 -16.49 2.05 3.59
N SER B 38 -17.49 1.50 2.90
CA SER B 38 -17.35 0.44 1.86
C SER B 38 -16.90 1.06 0.53
N ARG B 39 -16.03 0.35 -0.21
CA ARG B 39 -15.47 0.79 -1.52
C ARG B 39 -16.63 1.14 -2.47
N GLU B 40 -16.61 2.36 -3.02
CA GLU B 40 -17.64 2.89 -3.97
C GLU B 40 -17.08 2.82 -5.39
N PRO B 41 -17.93 2.90 -6.44
CA PRO B 41 -17.45 2.90 -7.83
C PRO B 41 -16.67 4.18 -8.15
N SER B 42 -15.39 4.04 -8.50
CA SER B 42 -14.43 5.17 -8.69
C SER B 42 -14.89 6.07 -9.84
N PRO B 43 -14.88 7.42 -9.66
CA PRO B 43 -15.21 8.34 -10.74
C PRO B 43 -14.07 8.36 -11.77
N LYS B 44 -14.28 8.94 -12.95
CA LYS B 44 -13.26 8.90 -14.06
C LYS B 44 -11.99 9.61 -13.58
N THR B 45 -12.14 10.78 -12.96
CA THR B 45 -11.03 11.55 -12.34
C THR B 45 -11.08 11.39 -10.82
N GLU B 46 -10.02 10.82 -10.25
CA GLU B 46 -9.85 10.59 -8.80
C GLU B 46 -9.99 11.91 -8.02
N ASP B 47 -10.62 11.87 -6.86
CA ASP B 47 -10.59 13.00 -5.89
C ASP B 47 -9.12 13.39 -5.64
N ASN B 48 -8.83 14.68 -5.55
CA ASN B 48 -7.49 15.22 -5.22
C ASN B 48 -7.67 16.36 -4.22
N GLU B 49 -7.31 16.13 -2.97
CA GLU B 49 -7.47 17.10 -1.85
C GLU B 49 -6.37 16.90 -0.80
N GLY B 50 -6.10 17.96 -0.03
CA GLY B 50 -5.16 17.93 1.10
C GLY B 50 -4.60 19.30 1.38
N VAL B 51 -3.63 19.38 2.28
CA VAL B 51 -3.00 20.65 2.75
C VAL B 51 -1.48 20.45 2.76
N LEU B 52 -0.76 21.41 2.21
CA LEU B 52 0.73 21.48 2.26
C LEU B 52 1.13 22.61 3.21
N LEU B 53 2.04 22.33 4.15
CA LEU B 53 2.41 23.23 5.28
C LEU B 53 3.69 23.99 4.98
N THR B 54 4.33 23.77 3.83
CA THR B 54 5.59 24.44 3.42
C THR B 54 5.48 24.93 1.98
N GLU B 55 6.18 26.03 1.65
CA GLU B 55 6.25 26.63 0.28
C GLU B 55 7.12 25.74 -0.61
N LYS B 56 7.94 24.87 -0.01
CA LYS B 56 8.78 23.87 -0.73
C LYS B 56 7.92 22.94 -1.60
N LEU B 57 6.65 22.70 -1.23
CA LEU B 57 5.68 21.88 -2.02
C LEU B 57 4.51 22.78 -2.43
N LYS B 58 4.40 23.09 -3.73
CA LYS B 58 3.41 24.07 -4.26
C LYS B 58 2.41 23.32 -5.13
N PRO B 59 1.09 23.45 -4.85
CA PRO B 59 0.06 22.94 -5.75
C PRO B 59 -0.04 23.85 -6.99
N VAL B 60 -0.39 23.27 -8.14
CA VAL B 60 -0.72 23.98 -9.42
C VAL B 60 -2.23 23.91 -9.61
N ASP B 61 -2.93 25.05 -9.46
CA ASP B 61 -4.40 25.19 -9.69
C ASP B 61 -5.15 24.21 -8.77
N TYR B 62 -4.75 24.16 -7.50
CA TYR B 62 -5.44 23.42 -6.41
C TYR B 62 -5.36 21.90 -6.66
N GLU B 63 -4.32 21.45 -7.34
CA GLU B 63 -4.03 20.02 -7.62
C GLU B 63 -2.62 19.67 -7.11
N TYR B 64 -2.43 18.42 -6.71
CA TYR B 64 -1.09 17.84 -6.39
C TYR B 64 -1.16 16.33 -6.59
N ARG B 65 -0.77 15.87 -7.77
CA ARG B 65 -0.95 14.47 -8.26
C ARG B 65 0.45 13.92 -8.54
N GLU B 66 0.66 12.65 -8.22
CA GLU B 66 1.92 11.93 -8.51
C GLU B 66 2.05 11.83 -10.04
N GLU B 67 3.29 11.96 -10.55
CA GLU B 67 3.64 11.83 -12.00
C GLU B 67 3.23 13.10 -12.78
N VAL B 68 2.60 14.09 -12.12
CA VAL B 68 2.14 15.36 -12.75
C VAL B 68 2.85 16.54 -12.06
N HIS B 69 2.69 16.68 -10.74
CA HIS B 69 3.25 17.81 -9.93
C HIS B 69 4.49 17.36 -9.14
N TRP B 70 4.68 16.05 -8.96
CA TRP B 70 5.79 15.46 -8.16
C TRP B 70 6.00 14.00 -8.58
N ALA B 71 7.16 13.44 -8.24
CA ALA B 71 7.54 12.05 -8.57
C ALA B 71 8.45 11.49 -7.49
N THR B 72 8.34 10.18 -7.21
CA THR B 72 9.36 9.40 -6.47
C THR B 72 10.56 9.25 -7.41
N HIS B 73 11.78 9.20 -6.87
CA HIS B 73 12.98 8.81 -7.65
C HIS B 73 13.86 7.92 -6.77
N GLN B 74 14.62 7.02 -7.40
CA GLN B 74 15.50 6.01 -6.75
C GLN B 74 14.62 5.00 -6.01
N LEU B 75 15.22 4.18 -5.14
CA LEU B 75 14.55 3.01 -4.51
C LEU B 75 14.04 3.41 -3.12
N ARG B 76 13.19 2.57 -2.54
CA ARG B 76 12.39 2.92 -1.33
C ARG B 76 13.34 3.09 -0.13
N LEU B 77 12.96 3.98 0.79
CA LEU B 77 13.72 4.27 2.03
C LEU B 77 13.43 3.17 3.06
N GLY B 78 12.20 2.64 3.06
CA GLY B 78 11.83 1.46 3.85
C GLY B 78 10.33 1.24 3.84
N ARG B 79 9.86 0.37 4.74
CA ARG B 79 8.42 0.18 5.05
C ARG B 79 8.16 0.86 6.39
N GLY B 80 7.20 1.78 6.44
CA GLY B 80 6.57 2.25 7.69
C GLY B 80 5.47 1.29 8.11
N SER B 81 4.91 1.48 9.29
CA SER B 81 3.87 0.59 9.85
C SER B 81 2.75 0.36 8.84
N PHE B 82 2.32 1.40 8.11
CA PHE B 82 1.08 1.37 7.28
C PHE B 82 1.37 1.71 5.82
N GLY B 83 2.62 1.96 5.44
CA GLY B 83 2.94 2.34 4.05
C GLY B 83 4.43 2.31 3.79
N GLU B 84 4.82 2.17 2.52
CA GLU B 84 6.21 2.31 2.03
C GLU B 84 6.58 3.79 2.02
N VAL B 85 7.88 4.08 2.07
CA VAL B 85 8.45 5.45 2.16
C VAL B 85 9.46 5.60 1.03
N HIS B 86 9.34 6.68 0.25
CA HIS B 86 10.22 7.01 -0.90
C HIS B 86 10.71 8.45 -0.79
N ARG B 87 11.83 8.71 -1.45
CA ARG B 87 12.37 10.05 -1.79
C ARG B 87 11.47 10.63 -2.88
N MET B 88 11.01 11.87 -2.75
CA MET B 88 10.21 12.50 -3.83
C MET B 88 10.76 13.90 -4.14
N GLU B 89 10.51 14.37 -5.36
CA GLU B 89 10.86 15.73 -5.83
C GLU B 89 9.60 16.43 -6.34
N ASP B 90 9.28 17.58 -5.78
CA ASP B 90 8.31 18.55 -6.36
C ASP B 90 8.89 19.05 -7.69
N LYS B 91 8.13 18.93 -8.78
CA LYS B 91 8.54 19.28 -10.16
C LYS B 91 8.60 20.81 -10.37
N GLN B 92 8.00 21.61 -9.48
CA GLN B 92 7.92 23.09 -9.58
C GLN B 92 9.07 23.73 -8.81
N THR B 93 9.30 23.33 -7.56
CA THR B 93 10.29 23.93 -6.64
C THR B 93 11.62 23.15 -6.70
N GLY B 94 11.58 21.89 -7.15
CA GLY B 94 12.74 21.00 -7.20
C GLY B 94 13.19 20.52 -5.83
N PHE B 95 12.57 20.99 -4.75
CA PHE B 95 12.86 20.55 -3.36
C PHE B 95 12.58 19.04 -3.26
N GLN B 96 13.49 18.33 -2.57
CA GLN B 96 13.32 16.91 -2.24
C GLN B 96 12.75 16.80 -0.82
N CYS B 97 11.86 15.83 -0.62
CA CYS B 97 11.34 15.43 0.72
C CYS B 97 11.08 13.92 0.71
N ALA B 98 10.54 13.40 1.81
CA ALA B 98 10.12 12.00 1.96
C ALA B 98 8.59 11.91 1.86
N VAL B 99 8.07 10.88 1.22
CA VAL B 99 6.60 10.61 1.14
C VAL B 99 6.31 9.21 1.65
N LYS B 100 5.30 9.07 2.53
CA LYS B 100 4.72 7.76 2.94
C LYS B 100 3.35 7.59 2.27
N LYS B 101 3.20 6.57 1.44
CA LYS B 101 1.95 6.26 0.70
C LYS B 101 1.11 5.33 1.56
N VAL B 102 -0.06 5.80 2.01
CA VAL B 102 -0.91 5.01 2.93
C VAL B 102 -2.26 4.79 2.26
N ARG B 103 -2.68 3.53 2.23
CA ARG B 103 -3.99 3.12 1.73
C ARG B 103 -5.04 3.70 2.67
N LEU B 104 -6.08 4.32 2.10
CA LEU B 104 -7.13 5.08 2.84
C LEU B 104 -7.75 4.21 3.95
N GLU B 105 -7.96 2.91 3.73
CA GLU B 105 -8.68 2.05 4.70
C GLU B 105 -7.74 1.55 5.82
N VAL B 106 -6.48 1.97 5.86
CA VAL B 106 -5.60 1.78 7.05
C VAL B 106 -5.17 3.15 7.60
N PHE B 107 -5.60 4.25 7.00
CA PHE B 107 -5.11 5.61 7.35
C PHE B 107 -5.76 6.02 8.66
N ARG B 108 -4.94 6.34 9.66
CA ARG B 108 -5.36 6.93 10.95
C ARG B 108 -4.97 8.41 10.93
N ALA B 109 -5.91 9.29 11.29
CA ALA B 109 -5.70 10.74 11.47
C ALA B 109 -4.52 11.01 12.43
N GLU B 110 -4.29 10.12 13.39
CA GLU B 110 -3.24 10.25 14.43
C GLU B 110 -1.85 10.30 13.79
N GLU B 111 -1.66 9.63 12.65
CA GLU B 111 -0.43 9.78 11.82
C GLU B 111 -0.08 11.27 11.70
N LEU B 112 -1.08 12.15 11.54
CA LEU B 112 -0.92 13.59 11.21
C LEU B 112 -1.16 14.48 12.44
N MET B 113 -2.22 14.20 13.22
CA MET B 113 -2.56 14.92 14.48
C MET B 113 -1.34 14.93 15.43
N ALA B 114 -0.55 13.86 15.43
CA ALA B 114 0.55 13.62 16.39
C ALA B 114 1.80 14.44 16.04
N CYS B 115 1.91 15.00 14.82
CA CYS B 115 3.16 15.70 14.36
C CYS B 115 2.88 16.99 13.58
N ALA B 116 1.63 17.35 13.31
CA ALA B 116 1.27 18.55 12.50
C ALA B 116 1.54 19.82 13.30
N GLY B 117 2.51 20.62 12.84
CA GLY B 117 2.83 21.96 13.41
C GLY B 117 3.66 21.88 14.67
N LEU B 118 4.17 20.68 15.02
CA LEU B 118 5.17 20.51 16.09
C LEU B 118 6.52 20.99 15.55
N THR B 119 7.22 21.80 16.33
CA THR B 119 8.52 22.43 15.94
C THR B 119 9.58 21.99 16.96
N SER B 120 9.53 20.73 17.38
CA SER B 120 10.64 20.00 18.05
C SER B 120 11.66 19.61 17.00
N PRO B 121 12.98 19.81 17.23
CA PRO B 121 13.99 19.25 16.33
C PRO B 121 14.17 17.72 16.49
N ARG B 122 13.44 17.09 17.41
CA ARG B 122 13.51 15.63 17.71
C ARG B 122 12.34 14.89 17.03
N ILE B 123 11.42 15.64 16.42
CA ILE B 123 10.24 15.09 15.70
C ILE B 123 10.39 15.47 14.23
N VAL B 124 10.34 14.49 13.31
CA VAL B 124 10.40 14.72 11.85
C VAL B 124 9.29 15.71 11.51
N PRO B 125 9.62 16.89 10.91
CA PRO B 125 8.60 17.88 10.54
C PRO B 125 7.71 17.36 9.39
N LEU B 126 6.39 17.51 9.57
CA LEU B 126 5.34 17.19 8.57
C LEU B 126 5.22 18.34 7.57
N TYR B 127 5.46 18.07 6.28
CA TYR B 127 5.36 19.07 5.18
C TYR B 127 3.92 19.15 4.64
N GLY B 128 3.11 18.12 4.90
CA GLY B 128 1.70 18.08 4.49
C GLY B 128 1.24 16.68 4.13
N ALA B 129 0.01 16.56 3.63
CA ALA B 129 -0.62 15.30 3.20
C ALA B 129 -1.67 15.58 2.12
N VAL B 130 -1.67 14.78 1.05
CA VAL B 130 -2.59 14.89 -0.11
C VAL B 130 -3.16 13.51 -0.42
N ARG B 131 -4.49 13.41 -0.44
CA ARG B 131 -5.24 12.22 -0.89
C ARG B 131 -5.37 12.26 -2.42
N GLU B 132 -5.19 11.11 -3.06
CA GLU B 132 -5.48 10.84 -4.49
C GLU B 132 -6.32 9.56 -4.53
N GLY B 133 -7.62 9.68 -4.72
CA GLY B 133 -8.55 8.53 -4.57
C GLY B 133 -8.29 7.83 -3.25
N PRO B 134 -8.04 6.49 -3.25
CA PRO B 134 -7.87 5.73 -2.00
C PRO B 134 -6.44 5.68 -1.46
N TRP B 135 -5.63 6.68 -1.78
CA TRP B 135 -4.19 6.80 -1.41
C TRP B 135 -3.97 8.13 -0.71
N VAL B 136 -3.39 8.10 0.49
CA VAL B 136 -2.97 9.33 1.23
C VAL B 136 -1.44 9.41 1.10
N ASN B 137 -0.95 10.51 0.56
CA ASN B 137 0.49 10.80 0.48
C ASN B 137 0.84 11.70 1.65
N ILE B 138 1.64 11.19 2.59
CA ILE B 138 2.17 11.96 3.76
C ILE B 138 3.59 12.43 3.42
N PHE B 139 3.81 13.75 3.41
CA PHE B 139 5.09 14.39 3.03
C PHE B 139 5.80 14.91 4.28
N MET B 140 7.11 14.68 4.36
CA MET B 140 7.89 14.99 5.57
C MET B 140 9.35 15.26 5.14
N GLU B 141 10.06 16.04 5.96
CA GLU B 141 11.49 16.38 5.76
C GLU B 141 12.30 15.10 5.63
N LEU B 142 13.23 15.06 4.67
CA LEU B 142 14.06 13.89 4.32
C LEU B 142 15.34 13.91 5.16
N LEU B 143 15.49 12.96 6.09
CA LEU B 143 16.70 12.83 6.95
C LEU B 143 17.66 11.83 6.31
N GLU B 144 18.92 12.22 6.16
CA GLU B 144 19.86 11.59 5.20
C GLU B 144 20.52 10.34 5.80
N GLY B 145 20.68 10.30 7.12
CA GLY B 145 21.36 9.20 7.83
C GLY B 145 20.61 7.88 7.74
N GLY B 146 19.29 7.94 7.54
CA GLY B 146 18.41 6.75 7.60
C GLY B 146 17.98 6.46 9.03
N SER B 147 17.53 5.24 9.31
CA SER B 147 16.98 4.84 10.63
C SER B 147 18.12 4.34 11.54
N LEU B 148 18.02 4.68 12.82
CA LEU B 148 18.82 4.10 13.95
C LEU B 148 18.77 2.56 13.89
N GLY B 149 17.63 1.98 13.50
CA GLY B 149 17.48 0.51 13.33
C GLY B 149 18.46 -0.02 12.29
N GLN B 150 18.67 0.75 11.22
CA GLN B 150 19.55 0.35 10.09
C GLN B 150 21.01 0.48 10.52
N LEU B 151 21.34 1.50 11.32
CA LEU B 151 22.68 1.72 11.92
C LEU B 151 23.05 0.52 12.82
N VAL B 152 22.18 0.18 13.78
CA VAL B 152 22.36 -0.97 14.71
C VAL B 152 22.69 -2.22 13.88
N LYS B 153 21.91 -2.51 12.83
CA LYS B 153 22.08 -3.69 11.96
C LYS B 153 23.44 -3.61 11.23
N GLU B 154 23.86 -2.39 10.83
CA GLU B 154 25.12 -2.14 10.09
C GLU B 154 26.32 -2.31 11.03
N GLN B 155 26.28 -1.67 12.21
CA GLN B 155 27.39 -1.63 13.19
C GLN B 155 27.38 -2.89 14.06
N GLY B 156 26.30 -3.68 14.03
CA GLY B 156 26.08 -4.87 14.86
C GLY B 156 25.40 -4.51 16.17
N CYS B 157 25.99 -3.55 16.88
CA CYS B 157 25.44 -2.86 18.08
C CYS B 157 26.25 -1.59 18.27
N LEU B 158 25.74 -0.63 19.04
CA LEU B 158 26.33 0.72 19.18
C LEU B 158 27.13 0.80 20.48
N PRO B 159 28.30 1.49 20.48
CA PRO B 159 28.95 1.85 21.74
C PRO B 159 28.01 2.61 22.67
N GLU B 160 28.23 2.46 23.98
CA GLU B 160 27.40 3.01 25.09
C GLU B 160 27.15 4.51 24.88
N ASP B 161 28.18 5.26 24.47
CA ASP B 161 28.12 6.75 24.37
C ASP B 161 27.17 7.14 23.23
N ARG B 162 27.29 6.46 22.07
CA ARG B 162 26.43 6.67 20.87
C ARG B 162 24.97 6.38 21.23
N ALA B 163 24.73 5.24 21.91
CA ALA B 163 23.39 4.75 22.30
C ALA B 163 22.75 5.67 23.36
N LEU B 164 23.52 6.18 24.31
CA LEU B 164 23.01 7.12 25.34
C LEU B 164 22.65 8.46 24.70
N TYR B 165 23.41 8.89 23.69
CA TYR B 165 23.24 10.17 22.96
C TYR B 165 21.91 10.16 22.19
N TYR B 166 21.60 9.04 21.54
CA TYR B 166 20.38 8.85 20.72
C TYR B 166 19.15 8.66 21.61
N LEU B 167 19.26 7.83 22.66
CA LEU B 167 18.19 7.65 23.68
C LEU B 167 17.83 9.01 24.26
N GLY B 168 18.83 9.82 24.60
CA GLY B 168 18.66 11.17 25.19
C GLY B 168 17.85 12.06 24.28
N GLN B 169 18.18 12.10 22.99
CA GLN B 169 17.47 12.94 21.98
C GLN B 169 16.05 12.38 21.77
N ALA B 170 15.92 11.05 21.67
CA ALA B 170 14.61 10.36 21.57
C ALA B 170 13.73 10.77 22.77
N LEU B 171 14.31 10.86 23.97
CA LEU B 171 13.55 11.16 25.21
C LEU B 171 13.14 12.63 25.24
N GLU B 172 13.94 13.53 24.64
CA GLU B 172 13.56 14.96 24.44
C GLU B 172 12.31 15.00 23.57
N GLY B 173 12.26 14.18 22.52
CA GLY B 173 11.11 14.03 21.61
C GLY B 173 9.87 13.55 22.35
N LEU B 174 10.01 12.48 23.14
CA LEU B 174 8.89 11.89 23.94
C LEU B 174 8.40 12.90 24.99
N GLU B 175 9.31 13.67 25.59
CA GLU B 175 8.97 14.75 26.56
C GLU B 175 8.10 15.79 25.86
N TYR B 176 8.53 16.25 24.67
CA TYR B 176 7.79 17.23 23.83
C TYR B 176 6.38 16.71 23.55
N LEU B 177 6.24 15.42 23.21
CA LEU B 177 4.93 14.83 22.80
C LEU B 177 4.03 14.67 24.03
N HIS B 178 4.58 14.07 25.10
CA HIS B 178 3.84 13.76 26.35
C HIS B 178 3.23 15.05 26.91
N SER B 179 3.98 16.15 26.94
CA SER B 179 3.51 17.48 27.41
C SER B 179 2.31 17.97 26.56
N ARG B 180 2.23 17.57 25.28
CA ARG B 180 1.09 17.89 24.38
C ARG B 180 0.04 16.78 24.37
N ARG B 181 0.21 15.74 25.20
CA ARG B 181 -0.79 14.66 25.44
C ARG B 181 -0.81 13.70 24.24
N ILE B 182 0.34 13.48 23.61
CA ILE B 182 0.52 12.53 22.47
C ILE B 182 1.41 11.38 22.94
N LEU B 183 0.88 10.16 22.86
CA LEU B 183 1.60 8.88 23.02
C LEU B 183 2.11 8.45 21.64
N HIS B 184 3.42 8.32 21.44
CA HIS B 184 4.02 7.86 20.16
C HIS B 184 3.51 6.46 19.81
N GLY B 185 3.70 5.48 20.71
CA GLY B 185 3.03 4.16 20.66
C GLY B 185 3.83 3.07 19.96
N ASP B 186 5.00 3.41 19.41
CA ASP B 186 5.87 2.47 18.64
C ASP B 186 7.32 2.97 18.70
N VAL B 187 7.79 3.31 19.90
CA VAL B 187 9.18 3.79 20.12
C VAL B 187 10.10 2.58 19.95
N LYS B 188 10.91 2.58 18.90
CA LYS B 188 11.94 1.55 18.62
C LYS B 188 12.97 2.17 17.68
N ALA B 189 14.11 1.51 17.48
CA ALA B 189 15.23 2.01 16.65
C ALA B 189 14.74 2.36 15.24
N ASP B 190 13.82 1.55 14.69
CA ASP B 190 13.34 1.66 13.28
C ASP B 190 12.53 2.94 13.09
N ASN B 191 12.04 3.56 14.17
CA ASN B 191 11.22 4.80 14.14
C ASN B 191 12.02 6.00 14.65
N VAL B 192 13.35 5.89 14.73
CA VAL B 192 14.25 7.03 14.97
C VAL B 192 15.07 7.24 13.70
N LEU B 193 15.11 8.46 13.18
CA LEU B 193 15.87 8.83 11.94
C LEU B 193 17.05 9.72 12.32
N LEU B 194 18.13 9.61 11.55
CA LEU B 194 19.43 10.29 11.79
C LEU B 194 19.78 11.24 10.65
N SER B 195 20.31 12.41 10.97
CA SER B 195 20.90 13.39 10.02
C SER B 195 22.11 12.77 9.30
N SER B 196 22.62 13.46 8.28
CA SER B 196 23.79 13.07 7.44
C SER B 196 24.97 12.59 8.31
N ASP B 197 25.29 13.33 9.37
CA ASP B 197 26.50 13.13 10.22
C ASP B 197 26.13 12.45 11.54
N GLY B 198 24.93 11.83 11.62
CA GLY B 198 24.45 11.10 12.81
C GLY B 198 24.36 11.99 14.04
N SER B 199 24.47 13.31 13.88
CA SER B 199 24.49 14.28 15.00
C SER B 199 23.08 14.46 15.57
N HIS B 200 22.08 14.45 14.68
CA HIS B 200 20.66 14.76 15.02
C HIS B 200 19.83 13.48 14.82
N ALA B 201 19.01 13.13 15.82
CA ALA B 201 18.07 11.98 15.80
C ALA B 201 16.65 12.52 15.95
N ALA B 202 15.68 11.94 15.24
CA ALA B 202 14.29 12.45 15.20
C ALA B 202 13.28 11.29 15.14
N LEU B 203 12.19 11.40 15.90
CA LEU B 203 11.09 10.41 15.93
C LEU B 203 10.27 10.53 14.65
N CYS B 204 9.87 9.40 14.08
CA CYS B 204 8.99 9.33 12.89
C CYS B 204 7.98 8.20 13.08
N ASP B 205 7.06 8.08 12.11
CA ASP B 205 6.00 7.04 12.01
C ASP B 205 5.12 7.04 13.26
N PHE B 206 4.13 7.93 13.32
CA PHE B 206 3.11 8.03 14.39
C PHE B 206 1.88 7.18 14.04
N GLY B 207 2.09 6.06 13.33
CA GLY B 207 1.03 5.12 12.88
C GLY B 207 0.27 4.50 14.03
N HIS B 208 0.91 4.37 15.21
CA HIS B 208 0.33 3.72 16.41
C HIS B 208 0.03 4.75 17.51
N ALA B 209 0.09 6.05 17.19
CA ALA B 209 -0.02 7.12 18.22
C ALA B 209 -1.48 7.28 18.65
N VAL B 210 -1.70 7.59 19.92
CA VAL B 210 -3.05 7.89 20.46
C VAL B 210 -3.00 9.27 21.09
N CYS B 211 -4.08 10.05 20.91
CA CYS B 211 -4.22 11.44 21.38
C CYS B 211 -5.09 11.42 22.65
N LEU B 212 -4.46 11.59 23.82
CA LEU B 212 -5.10 11.51 25.17
C LEU B 212 -5.89 12.78 25.43
N LEU B 222 -4.92 8.61 29.93
CA LEU B 222 -5.18 7.15 29.78
C LEU B 222 -6.30 6.91 28.75
N THR B 223 -6.27 5.77 28.05
CA THR B 223 -7.36 5.28 27.16
C THR B 223 -7.15 3.79 26.86
N GLY B 224 -7.98 3.19 25.99
CA GLY B 224 -7.98 1.74 25.71
C GLY B 224 -8.19 1.41 24.23
N ASP B 225 -7.83 2.34 23.32
CA ASP B 225 -7.88 2.14 21.85
C ASP B 225 -6.46 1.88 21.32
N TYR B 226 -5.46 1.87 22.21
CA TYR B 226 -4.03 1.74 21.87
C TYR B 226 -3.72 0.30 21.45
N ILE B 227 -3.42 0.09 20.17
CA ILE B 227 -2.86 -1.17 19.62
C ILE B 227 -1.34 -1.01 19.57
N PRO B 228 -0.56 -1.68 20.45
CA PRO B 228 0.89 -1.52 20.47
C PRO B 228 1.56 -2.00 19.17
N GLY B 229 2.74 -1.47 18.89
CA GLY B 229 3.42 -1.61 17.58
C GLY B 229 4.26 -2.87 17.50
N THR B 230 5.13 -3.09 18.49
CA THR B 230 6.17 -4.15 18.49
C THR B 230 6.10 -4.98 19.77
N GLU B 231 5.87 -6.29 19.61
CA GLU B 231 5.74 -7.28 20.70
C GLU B 231 6.85 -7.08 21.74
N THR B 232 8.12 -6.96 21.32
CA THR B 232 9.31 -7.00 22.21
C THR B 232 9.45 -5.72 23.03
N HIS B 233 8.80 -4.62 22.63
CA HIS B 233 8.95 -3.27 23.22
C HIS B 233 7.69 -2.90 24.01
N MET B 234 6.80 -3.87 24.18
CA MET B 234 5.44 -3.73 24.76
C MET B 234 5.58 -3.72 26.29
N ALA B 235 4.87 -2.83 26.97
CA ALA B 235 4.97 -2.65 28.44
C ALA B 235 4.00 -3.62 29.12
N PRO B 236 4.37 -4.16 30.31
CA PRO B 236 3.54 -5.15 31.00
C PRO B 236 2.09 -4.70 31.22
N GLU B 237 1.85 -3.41 31.44
CA GLU B 237 0.49 -2.86 31.69
C GLU B 237 -0.37 -3.02 30.43
N VAL B 238 0.24 -3.07 29.24
CA VAL B 238 -0.49 -3.14 27.94
C VAL B 238 -1.06 -4.54 27.75
N VAL B 239 -0.23 -5.57 27.99
CA VAL B 239 -0.58 -7.02 27.89
C VAL B 239 -1.68 -7.36 28.90
N LEU B 240 -1.58 -6.86 30.13
CA LEU B 240 -2.55 -7.12 31.23
C LEU B 240 -3.86 -6.36 30.98
N GLY B 241 -3.85 -5.37 30.08
CA GLY B 241 -5.01 -4.52 29.76
C GLY B 241 -5.37 -3.57 30.90
N ARG B 242 -4.39 -3.28 31.77
CA ARG B 242 -4.55 -2.41 32.99
C ARG B 242 -4.45 -0.94 32.55
N SER B 243 -4.19 -0.03 33.51
CA SER B 243 -4.15 1.44 33.32
C SER B 243 -2.90 1.86 32.53
N CYS B 244 -3.08 2.56 31.40
CA CYS B 244 -2.03 2.87 30.39
C CYS B 244 -1.93 4.38 30.15
N ASP B 245 -0.71 4.93 30.26
CA ASP B 245 -0.40 6.38 30.10
C ASP B 245 0.88 6.52 29.25
N ALA B 246 1.54 7.69 29.30
CA ALA B 246 2.78 8.03 28.56
C ALA B 246 3.93 7.07 28.91
N LYS B 247 3.87 6.39 30.05
CA LYS B 247 4.98 5.55 30.56
C LYS B 247 5.26 4.36 29.63
N VAL B 248 4.30 3.95 28.79
CA VAL B 248 4.51 2.84 27.81
C VAL B 248 5.68 3.20 26.88
N ASP B 249 5.75 4.47 26.45
CA ASP B 249 6.83 5.00 25.58
C ASP B 249 8.17 4.90 26.31
N VAL B 250 8.20 5.19 27.62
CA VAL B 250 9.43 5.12 28.45
C VAL B 250 9.93 3.67 28.48
N TRP B 251 9.03 2.72 28.77
CA TRP B 251 9.34 1.26 28.72
C TRP B 251 9.96 0.89 27.36
N SER B 252 9.35 1.34 26.27
CA SER B 252 9.78 1.02 24.88
C SER B 252 11.18 1.59 24.62
N SER B 253 11.45 2.80 25.11
CA SER B 253 12.76 3.49 24.90
C SER B 253 13.88 2.63 25.50
N CYS B 254 13.66 2.07 26.69
CA CYS B 254 14.69 1.25 27.39
C CYS B 254 14.85 -0.09 26.68
N CYS B 255 13.74 -0.67 26.19
CA CYS B 255 13.78 -1.81 25.23
C CYS B 255 14.64 -1.41 24.02
N MET B 256 14.41 -0.21 23.48
CA MET B 256 15.23 0.35 22.36
C MET B 256 16.68 0.48 22.81
N MET B 257 16.94 0.97 24.03
CA MET B 257 18.31 1.10 24.58
C MET B 257 19.00 -0.27 24.63
N LEU B 258 18.30 -1.31 25.07
CA LEU B 258 18.87 -2.68 25.17
C LEU B 258 19.21 -3.20 23.76
N HIS B 259 18.38 -2.86 22.76
CA HIS B 259 18.56 -3.19 21.33
C HIS B 259 19.91 -2.63 20.85
N MET B 260 20.15 -1.35 21.10
CA MET B 260 21.38 -0.62 20.66
C MET B 260 22.63 -1.26 21.27
N LEU B 261 22.61 -1.56 22.57
CA LEU B 261 23.80 -2.06 23.32
C LEU B 261 24.10 -3.51 22.93
N ASN B 262 23.08 -4.37 22.88
CA ASN B 262 23.23 -5.85 22.68
C ASN B 262 23.20 -6.19 21.19
N GLY B 263 22.45 -5.43 20.39
CA GLY B 263 22.25 -5.70 18.96
C GLY B 263 21.09 -6.64 18.70
N CYS B 264 20.22 -6.85 19.69
CA CYS B 264 18.97 -7.65 19.55
C CYS B 264 17.91 -7.14 20.52
N HIS B 265 16.63 -7.30 20.17
CA HIS B 265 15.47 -6.88 20.99
C HIS B 265 15.58 -7.58 22.34
N PRO B 266 15.02 -7.02 23.43
CA PRO B 266 14.89 -7.76 24.68
C PRO B 266 13.97 -8.97 24.46
N TRP B 267 14.16 -10.02 25.26
CA TRP B 267 13.33 -11.24 25.31
C TRP B 267 13.74 -12.24 24.21
N THR B 268 13.87 -11.79 22.95
CA THR B 268 13.88 -12.66 21.74
C THR B 268 14.85 -13.85 21.92
N GLN B 269 16.00 -13.63 22.55
CA GLN B 269 17.08 -14.64 22.65
C GLN B 269 16.78 -15.68 23.75
N PHE B 270 15.86 -15.40 24.68
CA PHE B 270 15.64 -16.20 25.92
C PHE B 270 14.25 -16.88 25.92
N PHE B 271 13.30 -16.43 25.08
CA PHE B 271 11.91 -16.95 25.05
C PHE B 271 11.41 -17.09 23.61
N ARG B 272 10.79 -18.24 23.32
CA ARG B 272 10.12 -18.55 22.02
C ARG B 272 8.64 -18.17 22.13
N GLY B 273 7.85 -18.50 21.10
CA GLY B 273 6.40 -18.29 21.06
C GLY B 273 6.01 -16.84 21.34
N PRO B 274 4.72 -16.54 21.57
CA PRO B 274 4.29 -15.17 21.86
C PRO B 274 4.83 -14.71 23.22
N LEU B 275 5.35 -13.47 23.28
CA LEU B 275 6.05 -12.89 24.46
C LEU B 275 5.07 -12.21 25.41
N CYS B 276 3.81 -12.03 25.00
CA CYS B 276 2.74 -11.38 25.81
C CYS B 276 2.75 -11.94 27.23
N LEU B 277 2.64 -13.27 27.35
CA LEU B 277 2.55 -14.01 28.64
C LEU B 277 3.85 -13.83 29.45
N LYS B 278 5.01 -13.92 28.78
CA LYS B 278 6.35 -13.78 29.42
C LYS B 278 6.54 -12.36 29.99
N ILE B 279 6.09 -11.34 29.28
CA ILE B 279 6.26 -9.89 29.65
C ILE B 279 5.42 -9.60 30.90
N ALA B 280 4.22 -10.19 30.94
CA ALA B 280 3.28 -10.12 32.09
C ALA B 280 3.90 -10.79 33.32
N SER B 281 4.58 -11.93 33.14
CA SER B 281 4.90 -12.91 34.21
C SER B 281 6.32 -12.72 34.76
N GLU B 282 7.30 -12.50 33.88
CA GLU B 282 8.74 -12.47 34.24
C GLU B 282 9.06 -11.13 34.89
N PRO B 283 10.24 -11.00 35.55
CA PRO B 283 10.75 -9.69 35.95
C PRO B 283 11.14 -8.89 34.70
N PRO B 284 11.25 -7.55 34.82
CA PRO B 284 11.62 -6.73 33.67
C PRO B 284 12.99 -7.16 33.15
N PRO B 285 13.27 -7.00 31.84
CA PRO B 285 14.47 -7.57 31.24
C PRO B 285 15.77 -6.85 31.66
N VAL B 286 15.91 -6.58 32.96
CA VAL B 286 17.07 -5.89 33.59
C VAL B 286 18.34 -6.73 33.39
N ARG B 287 18.21 -8.07 33.35
CA ARG B 287 19.37 -8.98 33.22
C ARG B 287 19.97 -8.92 31.79
N GLU B 288 19.34 -8.17 30.87
CA GLU B 288 19.88 -7.98 29.50
C GLU B 288 20.82 -6.76 29.45
N ILE B 289 20.84 -5.91 30.48
CA ILE B 289 21.80 -4.77 30.63
C ILE B 289 23.21 -5.35 30.61
N PRO B 290 24.07 -5.00 29.61
CA PRO B 290 25.39 -5.62 29.52
C PRO B 290 26.21 -5.38 30.79
N PRO B 291 27.06 -6.35 31.22
CA PRO B 291 27.74 -6.27 32.51
C PRO B 291 28.79 -5.16 32.58
N SER B 292 29.46 -4.88 31.44
CA SER B 292 30.55 -3.88 31.30
C SER B 292 30.00 -2.45 31.32
N CYS B 293 28.67 -2.29 31.23
CA CYS B 293 27.98 -0.96 31.24
C CYS B 293 28.31 -0.19 32.51
N ALA B 294 28.30 1.14 32.41
CA ALA B 294 28.55 2.09 33.52
C ALA B 294 27.39 2.04 34.50
N PRO B 295 27.64 2.26 35.82
CA PRO B 295 26.59 2.24 36.83
C PRO B 295 25.32 3.05 36.47
N LEU B 296 25.50 4.29 36.02
CA LEU B 296 24.39 5.27 35.79
C LEU B 296 23.55 4.83 34.58
N THR B 297 24.20 4.31 33.54
CA THR B 297 23.56 3.65 32.38
C THR B 297 22.64 2.52 32.87
N ALA B 298 23.19 1.60 33.68
CA ALA B 298 22.48 0.43 34.23
C ALA B 298 21.26 0.90 35.05
N GLN B 299 21.46 1.88 35.93
CA GLN B 299 20.39 2.40 36.83
C GLN B 299 19.26 2.99 35.98
N ALA B 300 19.60 3.87 35.03
CA ALA B 300 18.67 4.55 34.12
C ALA B 300 17.71 3.52 33.50
N ILE B 301 18.26 2.52 32.82
CA ILE B 301 17.50 1.43 32.15
C ILE B 301 16.55 0.78 33.17
N GLN B 302 17.03 0.48 34.38
CA GLN B 302 16.29 -0.19 35.47
C GLN B 302 15.07 0.65 35.87
N GLU B 303 15.24 1.96 35.97
CA GLU B 303 14.18 2.92 36.38
C GLU B 303 13.13 3.01 35.26
N GLY B 304 13.61 2.94 34.01
CA GLY B 304 12.77 2.96 32.80
C GLY B 304 12.03 1.64 32.57
N LEU B 305 12.55 0.53 33.12
CA LEU B 305 11.97 -0.83 32.94
C LEU B 305 11.35 -1.31 34.27
N ARG B 306 10.70 -0.43 35.02
CA ARG B 306 9.94 -0.84 36.23
C ARG B 306 8.55 -1.25 35.76
N LYS B 307 8.08 -2.43 36.17
CA LYS B 307 6.84 -3.08 35.67
C LYS B 307 5.59 -2.27 36.03
N GLU B 308 5.55 -1.62 37.19
CA GLU B 308 4.39 -0.77 37.59
C GLU B 308 4.59 0.62 36.98
N PRO B 309 3.69 1.06 36.06
CA PRO B 309 3.84 2.36 35.40
C PRO B 309 4.01 3.56 36.35
N ILE B 310 3.34 3.53 37.50
CA ILE B 310 3.38 4.65 38.51
C ILE B 310 4.78 4.73 39.14
N HIS B 311 5.48 3.60 39.30
CA HIS B 311 6.87 3.53 39.84
C HIS B 311 7.90 3.90 38.77
N ARG B 312 7.52 3.89 37.48
CA ARG B 312 8.44 4.10 36.34
C ARG B 312 8.64 5.60 36.14
N VAL B 313 9.89 6.00 35.89
CA VAL B 313 10.26 7.44 35.66
C VAL B 313 9.56 7.95 34.40
N SER B 314 9.37 9.27 34.31
CA SER B 314 8.85 9.98 33.12
C SER B 314 9.95 10.09 32.06
N ALA B 315 9.58 10.53 30.86
CA ALA B 315 10.49 10.82 29.74
C ALA B 315 11.46 11.94 30.12
N ALA B 316 10.98 12.94 30.88
CA ALA B 316 11.77 14.07 31.41
C ALA B 316 12.84 13.54 32.39
N GLU B 317 12.40 12.77 33.40
CA GLU B 317 13.28 12.21 34.47
C GLU B 317 14.38 11.36 33.83
N LEU B 318 14.00 10.43 32.94
CA LEU B 318 14.94 9.48 32.31
C LEU B 318 15.96 10.26 31.44
N GLY B 319 15.50 11.33 30.78
CA GLY B 319 16.36 12.22 29.97
C GLY B 319 17.55 12.73 30.75
N GLY B 320 17.30 13.30 31.94
CA GLY B 320 18.33 13.85 32.85
C GLY B 320 19.35 12.79 33.26
N LYS B 321 18.86 11.62 33.67
CA LYS B 321 19.69 10.46 34.10
C LYS B 321 20.60 10.04 32.95
N VAL B 322 20.06 9.99 31.73
CA VAL B 322 20.76 9.54 30.49
C VAL B 322 21.80 10.59 30.10
N ASN B 323 21.47 11.88 30.24
CA ASN B 323 22.43 13.00 30.00
C ASN B 323 23.56 12.87 31.04
N ARG B 324 23.22 12.77 32.33
CA ARG B 324 24.19 12.55 33.44
C ARG B 324 25.04 11.30 33.16
N ALA B 325 24.41 10.24 32.64
CA ALA B 325 25.07 8.96 32.31
C ALA B 325 26.08 9.15 31.18
N LEU B 326 25.85 10.12 30.28
CA LEU B 326 26.70 10.39 29.09
C LEU B 326 27.94 11.22 29.50
N GLN B 327 27.80 12.20 30.40
CA GLN B 327 28.94 12.90 31.05
C GLN B 327 29.94 11.85 31.55
N GLN B 328 29.44 10.88 32.35
CA GLN B 328 30.25 9.87 33.07
C GLN B 328 31.09 9.02 32.11
N VAL B 329 30.60 8.68 30.90
CA VAL B 329 31.33 7.79 29.95
C VAL B 329 32.26 8.61 29.06
N GLY B 330 32.24 9.94 29.21
CA GLY B 330 33.19 10.89 28.60
C GLY B 330 32.60 11.66 27.43
N GLY B 331 31.28 11.95 27.48
CA GLY B 331 30.51 12.57 26.39
C GLY B 331 30.53 11.74 25.12
N LEU B 332 29.90 12.23 24.04
CA LEU B 332 29.88 11.59 22.71
C LEU B 332 31.28 11.72 22.08
N LYS B 333 31.98 10.60 21.91
CA LYS B 333 33.36 10.57 21.35
C LYS B 333 33.48 9.52 20.24
N SER B 334 32.75 8.41 20.31
CA SER B 334 32.80 7.28 19.34
C SER B 334 32.60 7.83 17.92
N PRO B 335 33.30 7.28 16.91
CA PRO B 335 33.16 7.75 15.52
C PRO B 335 31.79 7.40 14.91
N TRP B 336 31.33 8.25 14.00
CA TRP B 336 30.04 8.10 13.27
C TRP B 336 30.18 7.01 12.20
N ARG B 337 29.37 5.95 12.30
CA ARG B 337 29.39 4.78 11.38
C ARG B 337 30.79 4.16 11.42
N GLY B 338 31.31 3.94 12.63
CA GLY B 338 32.70 3.50 12.89
C GLY B 338 32.90 2.01 12.66
N GLU B 339 33.70 1.37 13.51
CA GLU B 339 34.10 -0.05 13.40
C GLU B 339 32.97 -0.95 13.94
N TYR B 340 32.70 -2.05 13.24
CA TYR B 340 31.67 -3.07 13.58
C TYR B 340 31.92 -3.59 15.00
N LYS B 341 30.87 -3.65 15.82
CA LYS B 341 30.89 -4.20 17.20
C LYS B 341 29.96 -5.41 17.25
N GLU B 342 30.46 -6.57 17.66
CA GLU B 342 29.73 -7.87 17.57
C GLU B 342 28.51 -7.85 18.51
N PRO B 343 27.29 -8.14 18.01
CA PRO B 343 26.12 -8.20 18.87
C PRO B 343 26.16 -9.41 19.82
N ARG B 344 25.30 -9.42 20.84
CA ARG B 344 25.22 -10.52 21.84
C ARG B 344 24.78 -11.79 21.11
N HIS B 345 25.51 -12.90 21.32
CA HIS B 345 25.17 -14.26 20.81
C HIS B 345 23.97 -14.81 21.58
N PRO B 346 23.07 -15.59 20.94
CA PRO B 346 22.07 -16.35 21.68
C PRO B 346 22.73 -17.35 22.62
N PRO B 347 22.04 -17.83 23.68
CA PRO B 347 22.49 -18.98 24.45
C PRO B 347 22.42 -20.27 23.62
N PRO B 348 23.22 -21.31 23.98
CA PRO B 348 23.16 -22.60 23.29
C PRO B 348 21.98 -23.46 23.77
#